data_6ZJC
#
_entry.id   6ZJC
#
_cell.length_a   49.401
_cell.length_b   54.728
_cell.length_c   97.115
_cell.angle_alpha   88.170
_cell.angle_beta   78.740
_cell.angle_gamma   86.390
#
_symmetry.space_group_name_H-M   'P 1'
#
loop_
_entity.id
_entity.type
_entity.pdbx_description
1 polymer 'Glutathione S-transferase'
2 non-polymer GLUTATHIONE
3 non-polymer 'Triethyltin bromide'
4 non-polymer (4S)-2-METHYL-2,4-PENTANEDIOL
5 water water
#
_entity_poly.entity_id   1
_entity_poly.type   'polypeptide(L)'
_entity_poly.pdbx_seq_one_letter_code
;MAVKPMLHYFNGRGRMEPIRWLLAAAGVEFEETFIDTPEDFEKLKNDGSLMFQQVPMVEIDGMKLVQSRAILNYVAAKHN
LYGKDIKERALIDMYIEGVADLNEMILLLPITPPAEKDAKIMLIKDRTTNRYLPAFEKVLKSHGEDYLVGNRLSRADIHL
VELLYLVEELDPSLLTNFPLLKALKARISNLPTVKKFLQPGGARKPPGDEKSVEKSRKIFKF
;
_entity_poly.pdbx_strand_id   B,A,D,C
#
# COMPACT_ATOMS: atom_id res chain seq x y z
N VAL A 3 42.55 22.10 22.50
CA VAL A 3 43.23 20.80 22.81
C VAL A 3 43.07 19.84 21.62
N LYS A 4 44.13 19.13 21.28
CA LYS A 4 44.14 18.11 20.21
C LYS A 4 43.27 16.94 20.64
N PRO A 5 42.48 16.35 19.72
CA PRO A 5 41.83 15.07 19.98
C PRO A 5 42.87 14.00 20.32
N MET A 6 42.43 13.04 21.10
CA MET A 6 43.20 11.86 21.53
C MET A 6 42.49 10.61 21.04
N LEU A 7 43.22 9.78 20.35
CA LEU A 7 42.68 8.59 19.64
C LEU A 7 43.18 7.36 20.39
N HIS A 8 42.25 6.54 20.86
CA HIS A 8 42.58 5.28 21.59
C HIS A 8 42.29 4.10 20.68
N TYR A 9 43.34 3.37 20.30
CA TYR A 9 43.24 2.18 19.43
C TYR A 9 44.52 1.37 19.50
N PHE A 10 44.48 0.14 18.97
CA PHE A 10 45.68 -0.65 18.60
C PHE A 10 46.55 0.21 17.68
N ASN A 11 47.85 -0.04 17.71
CA ASN A 11 48.84 0.64 16.81
C ASN A 11 48.78 -0.06 15.44
N GLY A 12 47.76 0.29 14.65
CA GLY A 12 47.39 -0.39 13.41
C GLY A 12 46.18 0.30 12.79
N ARG A 13 45.77 -0.14 11.61
CA ARG A 13 44.70 0.56 10.85
C ARG A 13 43.34 0.30 11.53
N GLY A 14 42.85 -0.94 11.41
CA GLY A 14 41.52 -1.35 11.87
C GLY A 14 40.47 -0.25 11.66
N ARG A 15 39.62 -0.06 12.67
CA ARG A 15 38.43 0.82 12.54
C ARG A 15 38.84 2.29 12.78
N MET A 16 40.03 2.54 13.30
CA MET A 16 40.49 3.92 13.61
C MET A 16 41.08 4.60 12.36
N GLU A 17 41.57 3.82 11.39
CA GLU A 17 42.26 4.41 10.19
C GLU A 17 41.45 5.50 9.47
N PRO A 18 40.11 5.34 9.21
CA PRO A 18 39.33 6.39 8.57
C PRO A 18 39.18 7.69 9.35
N ILE A 19 39.24 7.60 10.68
CA ILE A 19 39.27 8.79 11.58
C ILE A 19 40.63 9.51 11.45
N ARG A 20 41.71 8.75 11.37
CA ARG A 20 43.06 9.34 11.16
C ARG A 20 43.09 10.13 9.84
N TRP A 21 42.59 9.49 8.78
CA TRP A 21 42.53 10.10 7.42
C TRP A 21 41.69 11.38 7.48
N LEU A 22 40.55 11.35 8.16
CA LEU A 22 39.59 12.46 8.08
C LEU A 22 40.12 13.63 8.90
N LEU A 23 40.57 13.35 10.12
CA LEU A 23 41.20 14.42 10.94
C LEU A 23 42.40 14.99 10.19
N ALA A 24 43.30 14.13 9.69
CA ALA A 24 44.47 14.57 8.88
C ALA A 24 43.99 15.45 7.71
N ALA A 25 42.97 15.01 6.94
CA ALA A 25 42.51 15.76 5.77
C ALA A 25 42.01 17.14 6.22
N ALA A 26 41.42 17.25 7.40
CA ALA A 26 40.85 18.51 7.94
C ALA A 26 42.00 19.37 8.48
N GLY A 27 43.20 18.84 8.51
CA GLY A 27 44.38 19.59 9.01
C GLY A 27 44.38 19.67 10.53
N VAL A 28 43.79 18.69 11.22
CA VAL A 28 43.67 18.67 12.71
C VAL A 28 44.79 17.79 13.25
N GLU A 29 45.68 18.38 14.03
CA GLU A 29 46.73 17.66 14.80
C GLU A 29 46.03 16.84 15.86
N PHE A 30 46.42 15.57 16.00
CA PHE A 30 45.83 14.68 17.00
C PHE A 30 46.95 13.86 17.65
N GLU A 31 46.62 13.25 18.78
CA GLU A 31 47.54 12.36 19.53
C GLU A 31 46.91 10.98 19.60
N GLU A 32 47.73 9.97 19.81
CA GLU A 32 47.30 8.56 19.89
C GLU A 32 47.89 7.92 21.15
N THR A 33 47.03 7.24 21.90
CA THR A 33 47.38 6.31 22.97
C THR A 33 47.17 4.90 22.44
N PHE A 34 48.23 4.19 22.15
CA PHE A 34 48.17 2.82 21.62
C PHE A 34 47.79 1.85 22.74
N ILE A 35 47.00 0.87 22.35
CA ILE A 35 46.58 -0.30 23.17
C ILE A 35 47.56 -1.41 22.77
N ASP A 36 48.62 -1.59 23.55
CA ASP A 36 49.70 -2.57 23.20
C ASP A 36 49.46 -3.90 23.94
N THR A 37 48.71 -3.90 25.04
CA THR A 37 48.51 -5.04 25.97
C THR A 37 47.05 -5.20 26.39
N PRO A 38 46.59 -6.44 26.70
CA PRO A 38 45.25 -6.63 27.27
C PRO A 38 44.96 -5.65 28.41
N GLU A 39 45.96 -5.32 29.21
CA GLU A 39 45.81 -4.48 30.41
C GLU A 39 45.59 -3.01 29.97
N ASP A 40 46.11 -2.61 28.81
CA ASP A 40 45.85 -1.23 28.30
C ASP A 40 44.35 -1.08 28.03
N PHE A 41 43.72 -2.14 27.53
CA PHE A 41 42.32 -2.19 27.09
C PHE A 41 41.44 -2.20 28.33
N GLU A 42 41.76 -3.14 29.22
CA GLU A 42 41.11 -3.31 30.54
C GLU A 42 41.06 -1.96 31.28
N LYS A 43 42.11 -1.17 31.21
CA LYS A 43 42.19 0.15 31.89
C LYS A 43 41.08 1.08 31.37
N LEU A 44 40.83 1.11 30.05
CA LEU A 44 39.84 2.04 29.46
C LEU A 44 38.42 1.63 29.89
N LYS A 45 38.14 0.32 29.82
CA LYS A 45 36.86 -0.28 30.29
C LYS A 45 36.62 0.09 31.78
N ASN A 46 37.60 -0.17 32.64
CA ASN A 46 37.50 0.08 34.10
C ASN A 46 37.41 1.60 34.35
N ASP A 47 37.95 2.44 33.47
CA ASP A 47 37.82 3.93 33.60
C ASP A 47 36.37 4.39 33.38
N GLY A 48 35.50 3.52 32.84
CA GLY A 48 34.17 3.90 32.31
C GLY A 48 34.21 4.77 31.03
N SER A 49 35.29 4.75 30.26
CA SER A 49 35.55 5.67 29.12
C SER A 49 34.81 5.23 27.84
N LEU A 50 34.53 3.93 27.76
CA LEU A 50 33.97 3.19 26.59
C LEU A 50 32.49 2.82 26.83
N MET A 51 31.56 3.61 26.28
CA MET A 51 30.11 3.36 26.45
C MET A 51 29.75 1.88 26.19
N PHE A 52 30.35 1.22 25.20
CA PHE A 52 29.97 -0.17 24.83
C PHE A 52 31.13 -1.13 25.08
N GLN A 53 32.11 -0.74 25.95
CA GLN A 53 33.27 -1.58 26.32
C GLN A 53 34.14 -1.83 25.07
N GLN A 54 34.09 -0.94 24.07
CA GLN A 54 34.83 -1.09 22.78
C GLN A 54 35.55 0.19 22.41
N VAL A 55 36.56 0.06 21.57
CA VAL A 55 37.22 1.18 20.83
C VAL A 55 36.87 0.94 19.37
N PRO A 56 37.09 1.88 18.42
CA PRO A 56 37.64 3.22 18.68
C PRO A 56 36.98 4.06 19.74
N MET A 57 37.80 4.84 20.45
CA MET A 57 37.32 5.95 21.29
C MET A 57 38.15 7.18 20.96
N VAL A 58 37.51 8.33 20.90
CA VAL A 58 38.24 9.60 20.63
C VAL A 58 37.78 10.62 21.63
N GLU A 59 38.71 11.18 22.39
CA GLU A 59 38.40 12.30 23.29
C GLU A 59 38.48 13.56 22.46
N ILE A 60 37.37 14.27 22.33
CA ILE A 60 37.35 15.53 21.53
C ILE A 60 36.27 16.42 22.11
N ASP A 61 36.60 17.70 22.31
CA ASP A 61 35.64 18.77 22.73
C ASP A 61 34.86 18.32 23.97
N GLY A 62 35.58 17.73 24.91
CA GLY A 62 35.02 17.32 26.21
C GLY A 62 34.22 16.05 26.12
N MET A 63 34.19 15.32 24.99
CA MET A 63 33.43 14.04 24.95
C MET A 63 34.40 12.88 24.84
N LYS A 64 34.02 11.73 25.36
CA LYS A 64 34.64 10.42 25.05
C LYS A 64 33.74 9.73 24.05
N LEU A 65 33.95 9.97 22.76
CA LEU A 65 33.05 9.47 21.68
C LEU A 65 33.49 8.05 21.35
N VAL A 66 32.60 7.07 21.44
CA VAL A 66 32.84 5.77 20.78
C VAL A 66 31.89 5.65 19.56
N GLN A 67 32.02 4.54 18.81
CA GLN A 67 31.33 4.26 17.53
C GLN A 67 32.00 5.07 16.40
N SER A 68 32.73 4.37 15.52
N SER A 68 32.73 4.37 15.53
CA SER A 68 33.49 5.02 14.43
CA SER A 68 33.47 4.95 14.38
C SER A 68 32.60 6.01 13.67
C SER A 68 32.60 5.99 13.66
N ARG A 69 31.34 5.65 13.34
CA ARG A 69 30.47 6.52 12.53
C ARG A 69 30.12 7.80 13.27
N ALA A 70 29.88 7.71 14.58
CA ALA A 70 29.52 8.87 15.41
C ALA A 70 30.72 9.84 15.42
N ILE A 71 31.91 9.31 15.62
CA ILE A 71 33.17 10.12 15.63
C ILE A 71 33.34 10.81 14.25
N LEU A 72 33.21 10.05 13.15
CA LEU A 72 33.43 10.59 11.78
C LEU A 72 32.37 11.66 11.48
N ASN A 73 31.10 11.38 11.80
CA ASN A 73 29.99 12.33 11.53
C ASN A 73 30.27 13.68 12.23
N TYR A 74 30.74 13.60 13.46
CA TYR A 74 31.06 14.79 14.30
C TYR A 74 32.25 15.54 13.68
N VAL A 75 33.33 14.82 13.43
CA VAL A 75 34.55 15.46 12.82
C VAL A 75 34.17 16.12 11.50
N ALA A 76 33.46 15.38 10.63
CA ALA A 76 33.11 15.88 9.30
C ALA A 76 32.25 17.15 9.42
N ALA A 77 31.27 17.16 10.33
CA ALA A 77 30.36 18.29 10.47
C ALA A 77 31.14 19.49 11.03
N LYS A 78 31.94 19.27 12.07
CA LYS A 78 32.73 20.35 12.68
C LYS A 78 33.61 21.08 11.64
N HIS A 79 34.25 20.34 10.75
CA HIS A 79 35.32 20.86 9.83
C HIS A 79 34.78 21.06 8.40
N ASN A 80 33.45 21.18 8.23
CA ASN A 80 32.78 21.55 6.96
C ASN A 80 33.13 20.55 5.85
N LEU A 81 33.17 19.26 6.15
CA LEU A 81 33.44 18.18 5.18
C LEU A 81 32.23 17.27 5.02
N TYR A 82 31.05 17.75 5.41
CA TYR A 82 29.80 16.97 5.34
C TYR A 82 28.76 17.68 4.47
N GLY A 83 29.20 18.38 3.43
CA GLY A 83 28.31 19.05 2.46
C GLY A 83 27.75 20.35 3.03
N LYS A 84 27.01 21.07 2.22
CA LYS A 84 26.46 22.42 2.57
C LYS A 84 25.02 22.28 3.10
N ASP A 85 24.29 21.23 2.71
CA ASP A 85 22.85 21.04 3.04
C ASP A 85 22.49 19.54 3.15
N ILE A 86 21.25 19.22 3.57
CA ILE A 86 20.89 17.81 3.89
C ILE A 86 20.83 17.00 2.61
N LYS A 87 20.55 17.64 1.48
CA LYS A 87 20.59 16.97 0.15
C LYS A 87 22.03 16.52 -0.14
N GLU A 88 23.02 17.38 0.04
CA GLU A 88 24.43 17.00 -0.18
C GLU A 88 24.87 15.89 0.79
N ARG A 89 24.42 15.98 2.05
N ARG A 89 24.42 15.97 2.05
CA ARG A 89 24.71 14.96 3.08
CA ARG A 89 24.70 14.95 3.08
C ARG A 89 24.13 13.61 2.62
C ARG A 89 24.13 13.61 2.62
N ALA A 90 22.92 13.63 2.06
CA ALA A 90 22.25 12.40 1.58
C ALA A 90 23.11 11.69 0.50
N LEU A 91 23.64 12.47 -0.43
CA LEU A 91 24.59 11.91 -1.45
C LEU A 91 25.85 11.41 -0.75
N ILE A 92 26.44 12.26 0.09
CA ILE A 92 27.72 11.91 0.79
C ILE A 92 27.48 10.60 1.54
N ASP A 93 26.35 10.53 2.28
CA ASP A 93 26.07 9.37 3.18
C ASP A 93 25.90 8.11 2.33
N MET A 94 25.18 8.23 1.22
CA MET A 94 24.93 7.10 0.33
C MET A 94 26.27 6.60 -0.23
N TYR A 95 27.13 7.51 -0.67
CA TYR A 95 28.45 7.14 -1.24
C TYR A 95 29.33 6.47 -0.16
N ILE A 96 29.42 7.07 1.02
CA ILE A 96 30.42 6.57 2.01
C ILE A 96 29.91 5.26 2.65
N GLU A 97 28.59 5.01 2.66
CA GLU A 97 28.03 3.73 3.18
C GLU A 97 28.40 2.59 2.21
N GLY A 98 28.47 2.88 0.92
CA GLY A 98 29.01 1.94 -0.06
C GLY A 98 30.48 1.71 0.18
N VAL A 99 31.22 2.79 0.35
CA VAL A 99 32.66 2.66 0.69
C VAL A 99 32.77 1.75 1.92
N ALA A 100 31.91 1.96 2.92
CA ALA A 100 31.99 1.26 4.21
C ALA A 100 31.83 -0.24 4.00
N ASP A 101 30.90 -0.64 3.15
CA ASP A 101 30.60 -2.06 2.89
C ASP A 101 31.83 -2.76 2.26
N LEU A 102 32.48 -2.12 1.30
CA LEU A 102 33.65 -2.77 0.64
C LEU A 102 34.81 -2.74 1.62
N ASN A 103 34.98 -1.61 2.33
CA ASN A 103 36.01 -1.53 3.42
C ASN A 103 35.90 -2.69 4.40
N GLU A 104 34.69 -3.00 4.84
CA GLU A 104 34.42 -3.99 5.91
C GLU A 104 34.89 -5.37 5.42
N MET A 105 34.68 -5.67 4.15
CA MET A 105 35.09 -6.98 3.55
C MET A 105 36.61 -7.10 3.62
N ILE A 106 37.32 -6.03 3.28
CA ILE A 106 38.81 -5.96 3.24
C ILE A 106 39.30 -6.01 4.69
N LEU A 107 38.70 -5.21 5.58
CA LEU A 107 39.07 -5.15 7.02
C LEU A 107 39.09 -6.55 7.65
N LEU A 108 38.18 -7.43 7.28
CA LEU A 108 37.97 -8.74 7.97
C LEU A 108 38.67 -9.88 7.20
N LEU A 109 39.31 -9.61 6.07
CA LEU A 109 40.06 -10.63 5.28
C LEU A 109 41.03 -11.39 6.19
N PRO A 110 41.91 -10.71 6.95
CA PRO A 110 42.89 -11.38 7.80
C PRO A 110 42.34 -12.45 8.76
N ILE A 111 41.09 -12.32 9.21
CA ILE A 111 40.45 -13.24 10.19
C ILE A 111 39.38 -14.08 9.50
N THR A 112 39.40 -14.17 8.18
CA THR A 112 38.56 -15.11 7.39
C THR A 112 39.02 -16.55 7.65
N PRO A 113 38.11 -17.50 7.93
CA PRO A 113 38.45 -18.92 8.00
C PRO A 113 39.28 -19.34 6.79
N PRO A 114 40.41 -20.07 7.01
CA PRO A 114 41.45 -20.20 5.98
C PRO A 114 40.99 -20.88 4.69
N ALA A 115 40.00 -21.77 4.78
CA ALA A 115 39.48 -22.55 3.63
C ALA A 115 38.79 -21.60 2.64
N GLU A 116 38.04 -20.60 3.11
CA GLU A 116 37.18 -19.75 2.25
C GLU A 116 37.83 -18.37 2.02
N LYS A 117 39.10 -18.21 2.36
CA LYS A 117 39.82 -16.92 2.16
C LYS A 117 39.95 -16.57 0.67
N ASP A 118 40.31 -17.55 -0.16
CA ASP A 118 40.41 -17.41 -1.63
C ASP A 118 39.08 -16.97 -2.24
N ALA A 119 37.99 -17.62 -1.84
CA ALA A 119 36.62 -17.29 -2.27
C ALA A 119 36.32 -15.84 -1.86
N LYS A 120 36.71 -15.45 -0.64
CA LYS A 120 36.46 -14.09 -0.09
C LYS A 120 37.23 -13.07 -0.94
N ILE A 121 38.47 -13.38 -1.30
CA ILE A 121 39.28 -12.46 -2.14
C ILE A 121 38.64 -12.33 -3.53
N MET A 122 38.15 -13.43 -4.11
CA MET A 122 37.42 -13.42 -5.41
C MET A 122 36.20 -12.51 -5.29
N LEU A 123 35.42 -12.66 -4.24
CA LEU A 123 34.18 -11.88 -4.00
C LEU A 123 34.54 -10.40 -3.89
N ILE A 124 35.59 -10.06 -3.13
CA ILE A 124 36.00 -8.64 -2.96
C ILE A 124 36.36 -8.05 -4.32
N LYS A 125 37.15 -8.78 -5.11
CA LYS A 125 37.54 -8.30 -6.47
C LYS A 125 36.30 -8.15 -7.37
N ASP A 126 35.41 -9.11 -7.31
CA ASP A 126 34.13 -9.08 -8.09
C ASP A 126 33.33 -7.81 -7.69
N ARG A 127 33.13 -7.59 -6.40
CA ARG A 127 32.39 -6.42 -5.88
C ARG A 127 33.12 -5.12 -6.22
N THR A 128 34.45 -5.14 -6.14
CA THR A 128 35.27 -3.95 -6.42
C THR A 128 35.02 -3.53 -7.88
N THR A 129 35.19 -4.46 -8.82
CA THR A 129 35.22 -4.14 -10.28
C THR A 129 33.81 -4.02 -10.85
N ASN A 130 32.83 -4.75 -10.32
CA ASN A 130 31.46 -4.88 -10.89
C ASN A 130 30.42 -4.08 -10.10
N ARG A 131 30.68 -3.69 -8.86
CA ARG A 131 29.67 -2.96 -8.03
C ARG A 131 30.19 -1.59 -7.62
N TYR A 132 31.24 -1.51 -6.82
CA TYR A 132 31.57 -0.25 -6.09
C TYR A 132 32.25 0.72 -7.04
N LEU A 133 33.37 0.36 -7.67
CA LEU A 133 34.18 1.34 -8.42
C LEU A 133 33.38 1.85 -9.61
N PRO A 134 32.63 0.96 -10.34
CA PRO A 134 31.77 1.42 -11.42
C PRO A 134 30.84 2.56 -10.96
N ALA A 135 30.26 2.39 -9.78
CA ALA A 135 29.27 3.32 -9.22
C ALA A 135 29.95 4.67 -8.97
N PHE A 136 31.15 4.66 -8.38
CA PHE A 136 31.84 5.95 -8.08
C PHE A 136 32.38 6.59 -9.38
N GLU A 137 32.94 5.75 -10.26
CA GLU A 137 33.39 6.24 -11.60
C GLU A 137 32.22 6.95 -12.31
N LYS A 138 31.00 6.40 -12.24
CA LYS A 138 29.82 6.98 -12.93
C LYS A 138 29.50 8.34 -12.30
N VAL A 139 29.69 8.53 -11.00
CA VAL A 139 29.38 9.83 -10.34
C VAL A 139 30.32 10.90 -10.92
N LEU A 140 31.61 10.57 -11.03
CA LEU A 140 32.62 11.52 -11.54
C LEU A 140 32.33 11.77 -13.03
N LYS A 141 32.02 10.72 -13.78
CA LYS A 141 31.69 10.82 -15.23
C LYS A 141 30.50 11.77 -15.38
N SER A 142 29.48 11.65 -14.53
CA SER A 142 28.19 12.33 -14.74
C SER A 142 28.35 13.85 -14.62
N HIS A 143 29.22 14.37 -13.78
CA HIS A 143 29.29 15.84 -13.55
C HIS A 143 30.65 16.39 -14.01
N GLY A 144 31.61 15.51 -14.27
CA GLY A 144 32.98 15.91 -14.69
C GLY A 144 33.68 16.87 -13.73
N GLU A 145 33.27 16.97 -12.48
CA GLU A 145 33.91 17.87 -11.48
C GLU A 145 35.03 17.13 -10.72
N ASP A 146 35.84 17.89 -9.98
CA ASP A 146 37.04 17.37 -9.28
C ASP A 146 36.69 16.60 -7.98
N TYR A 147 35.49 16.80 -7.42
CA TYR A 147 35.03 16.22 -6.13
C TYR A 147 33.71 15.47 -6.34
N LEU A 148 33.44 14.45 -5.52
CA LEU A 148 32.23 13.61 -5.71
C LEU A 148 30.96 14.46 -5.53
N VAL A 149 30.94 15.41 -4.60
CA VAL A 149 29.67 16.10 -4.21
C VAL A 149 29.88 17.60 -4.08
N GLY A 150 28.97 18.38 -4.66
CA GLY A 150 28.84 19.83 -4.41
C GLY A 150 30.02 20.58 -5.00
N ASN A 151 30.77 19.92 -5.90
CA ASN A 151 31.98 20.47 -6.52
C ASN A 151 32.88 21.04 -5.42
N ARG A 152 33.06 20.30 -4.35
CA ARG A 152 33.77 20.81 -3.15
C ARG A 152 34.28 19.59 -2.38
N LEU A 153 35.40 19.75 -1.68
CA LEU A 153 36.02 18.68 -0.89
C LEU A 153 35.03 18.29 0.21
N SER A 154 34.79 16.98 0.34
CA SER A 154 33.94 16.38 1.40
C SER A 154 34.61 15.10 1.88
N ARG A 155 34.14 14.58 2.99
CA ARG A 155 34.57 13.29 3.55
C ARG A 155 34.38 12.18 2.52
N ALA A 156 33.47 12.32 1.53
CA ALA A 156 33.28 11.26 0.50
C ALA A 156 34.56 11.05 -0.29
N ASP A 157 35.23 12.14 -0.65
CA ASP A 157 36.52 12.12 -1.41
C ASP A 157 37.59 11.40 -0.59
N ILE A 158 37.69 11.76 0.70
CA ILE A 158 38.71 11.24 1.67
C ILE A 158 38.47 9.74 1.87
N HIS A 159 37.21 9.34 2.13
CA HIS A 159 36.91 7.95 2.44
C HIS A 159 37.13 7.11 1.18
N LEU A 160 36.60 7.53 0.03
CA LEU A 160 36.83 6.80 -1.24
C LEU A 160 38.34 6.69 -1.55
N VAL A 161 39.09 7.77 -1.44
CA VAL A 161 40.54 7.71 -1.80
C VAL A 161 41.31 6.76 -0.85
N GLU A 162 40.95 6.74 0.44
CA GLU A 162 41.52 5.79 1.43
C GLU A 162 41.23 4.35 0.96
N LEU A 163 40.03 4.10 0.46
CA LEU A 163 39.62 2.75 -0.03
C LEU A 163 40.37 2.43 -1.35
N LEU A 164 40.61 3.42 -2.20
CA LEU A 164 41.35 3.15 -3.48
C LEU A 164 42.78 2.68 -3.18
N TYR A 165 43.43 3.27 -2.16
CA TYR A 165 44.75 2.81 -1.71
C TYR A 165 44.68 1.34 -1.25
N LEU A 166 43.65 0.98 -0.49
CA LEU A 166 43.50 -0.42 -0.01
C LEU A 166 43.31 -1.36 -1.19
N VAL A 167 42.45 -0.99 -2.12
CA VAL A 167 42.22 -1.79 -3.37
C VAL A 167 43.55 -1.97 -4.10
N GLU A 168 44.30 -0.89 -4.29
CA GLU A 168 45.63 -0.94 -4.96
C GLU A 168 46.56 -1.90 -4.21
N GLU A 169 46.53 -1.89 -2.89
CA GLU A 169 47.36 -2.80 -2.07
C GLU A 169 46.91 -4.24 -2.32
N LEU A 170 45.61 -4.48 -2.47
CA LEU A 170 45.10 -5.85 -2.69
C LEU A 170 45.56 -6.32 -4.08
N ASP A 171 45.43 -5.49 -5.09
CA ASP A 171 45.76 -5.84 -6.50
C ASP A 171 45.70 -4.57 -7.34
N PRO A 172 46.83 -4.00 -7.83
CA PRO A 172 46.78 -2.75 -8.57
C PRO A 172 45.97 -2.79 -9.87
N SER A 173 45.82 -3.99 -10.47
CA SER A 173 45.08 -4.15 -11.75
C SER A 173 43.59 -3.79 -11.56
N LEU A 174 43.09 -3.83 -10.33
CA LEU A 174 41.67 -3.51 -9.99
C LEU A 174 41.35 -2.05 -10.32
N LEU A 175 42.30 -1.14 -10.28
CA LEU A 175 42.03 0.29 -10.66
C LEU A 175 42.18 0.53 -12.18
N THR A 176 42.67 -0.44 -12.95
CA THR A 176 43.05 -0.25 -14.38
C THR A 176 41.91 0.43 -15.14
N ASN A 177 40.68 -0.09 -15.01
CA ASN A 177 39.54 0.39 -15.83
C ASN A 177 38.86 1.60 -15.17
N PHE A 178 39.49 2.27 -14.19
CA PHE A 178 38.82 3.36 -13.45
C PHE A 178 39.68 4.60 -13.49
N PRO A 179 39.87 5.17 -14.67
CA PRO A 179 40.78 6.31 -14.79
C PRO A 179 40.29 7.51 -13.99
N LEU A 180 39.00 7.79 -13.92
CA LEU A 180 38.57 9.03 -13.19
C LEU A 180 38.86 8.90 -11.68
N LEU A 181 38.91 7.66 -11.18
CA LEU A 181 39.09 7.32 -9.73
C LEU A 181 40.58 7.44 -9.42
N LYS A 182 41.41 6.93 -10.32
CA LYS A 182 42.88 7.16 -10.28
C LYS A 182 43.13 8.66 -10.28
N ALA A 183 42.45 9.42 -11.09
CA ALA A 183 42.69 10.88 -11.13
C ALA A 183 42.31 11.50 -9.79
N LEU A 184 41.15 11.10 -9.20
CA LEU A 184 40.71 11.60 -7.87
C LEU A 184 41.79 11.33 -6.83
N LYS A 185 42.26 10.07 -6.77
CA LYS A 185 43.30 9.56 -5.88
C LYS A 185 44.55 10.44 -5.99
N ALA A 186 44.96 10.80 -7.21
CA ALA A 186 46.14 11.63 -7.44
C ALA A 186 45.85 13.05 -6.93
N ARG A 187 44.66 13.61 -7.19
CA ARG A 187 44.41 15.02 -6.79
C ARG A 187 44.27 15.06 -5.26
N ILE A 188 43.60 14.07 -4.65
CA ILE A 188 43.30 14.11 -3.18
C ILE A 188 44.60 13.89 -2.39
N SER A 189 45.43 12.94 -2.82
CA SER A 189 46.79 12.65 -2.32
C SER A 189 47.68 13.89 -2.36
N ASN A 190 47.35 14.92 -3.14
CA ASN A 190 48.18 16.15 -3.32
C ASN A 190 47.57 17.35 -2.62
N LEU A 191 46.42 17.22 -1.96
CA LEU A 191 45.99 18.25 -0.98
C LEU A 191 47.07 18.38 0.08
N PRO A 192 47.48 19.61 0.48
CA PRO A 192 48.53 19.81 1.48
C PRO A 192 48.43 18.91 2.73
N THR A 193 47.24 18.85 3.33
CA THR A 193 47.01 18.09 4.58
C THR A 193 47.15 16.59 4.33
N VAL A 194 46.61 16.09 3.23
CA VAL A 194 46.62 14.63 2.97
C VAL A 194 48.05 14.25 2.64
N LYS A 195 48.76 15.13 1.95
CA LYS A 195 50.14 14.87 1.50
C LYS A 195 51.00 14.62 2.76
N LYS A 196 50.97 15.51 3.71
CA LYS A 196 51.72 15.33 4.99
C LYS A 196 51.35 13.99 5.62
N PHE A 197 50.05 13.69 5.68
CA PHE A 197 49.54 12.43 6.27
C PHE A 197 50.14 11.20 5.58
N LEU A 198 50.32 11.24 4.26
CA LEU A 198 50.80 10.08 3.47
C LEU A 198 52.32 10.06 3.39
N GLN A 199 52.98 11.18 3.56
CA GLN A 199 54.47 11.22 3.45
C GLN A 199 55.10 10.52 4.65
N PRO A 200 56.40 10.16 4.55
CA PRO A 200 57.16 9.61 5.68
C PRO A 200 56.97 10.41 6.97
N GLY A 201 56.65 9.68 8.03
CA GLY A 201 56.48 10.24 9.37
C GLY A 201 55.08 10.72 9.64
N GLY A 202 54.17 10.67 8.66
CA GLY A 202 52.75 10.99 8.91
C GLY A 202 52.06 9.89 9.70
N ALA A 203 50.88 10.19 10.20
CA ALA A 203 50.10 9.35 11.15
C ALA A 203 49.50 8.10 10.45
N ARG A 204 49.55 8.02 9.12
CA ARG A 204 48.96 6.88 8.43
C ARG A 204 49.60 5.56 8.93
N LYS A 205 48.83 4.53 9.13
CA LYS A 205 49.32 3.23 9.69
C LYS A 205 49.65 2.29 8.54
N PRO A 206 50.64 1.42 8.74
CA PRO A 206 50.97 0.40 7.75
C PRO A 206 49.97 -0.74 7.75
N PRO A 207 49.96 -1.59 6.69
CA PRO A 207 49.15 -2.79 6.68
C PRO A 207 49.62 -3.68 7.82
N GLY A 208 48.77 -4.55 8.32
CA GLY A 208 49.13 -5.50 9.37
C GLY A 208 49.90 -6.68 8.80
N ASP A 209 50.55 -7.44 9.67
CA ASP A 209 51.22 -8.72 9.30
C ASP A 209 50.64 -9.81 10.21
N GLU A 210 51.05 -11.07 9.99
CA GLU A 210 50.64 -12.29 10.74
C GLU A 210 50.77 -12.05 12.25
N LYS A 211 51.75 -11.24 12.65
CA LYS A 211 52.15 -11.06 14.07
C LYS A 211 51.41 -9.85 14.66
N SER A 212 51.03 -8.85 13.87
CA SER A 212 50.19 -7.72 14.34
C SER A 212 48.73 -8.23 14.50
N VAL A 213 48.30 -9.15 13.63
CA VAL A 213 46.96 -9.81 13.69
C VAL A 213 46.88 -10.65 14.96
N GLU A 214 47.93 -11.42 15.26
CA GLU A 214 48.00 -12.29 16.46
C GLU A 214 47.98 -11.44 17.74
N LYS A 215 48.73 -10.34 17.75
CA LYS A 215 48.78 -9.43 18.92
C LYS A 215 47.37 -8.84 19.17
N SER A 216 46.69 -8.34 18.13
CA SER A 216 45.35 -7.70 18.22
C SER A 216 44.30 -8.73 18.66
N ARG A 217 44.43 -9.97 18.22
CA ARG A 217 43.47 -11.08 18.48
C ARG A 217 43.49 -11.44 19.98
N LYS A 218 44.66 -11.43 20.62
CA LYS A 218 44.79 -11.76 22.07
C LYS A 218 44.44 -10.56 22.95
N ILE A 219 44.30 -9.36 22.39
CA ILE A 219 43.86 -8.13 23.12
C ILE A 219 42.33 -7.97 23.00
N PHE A 220 41.77 -8.22 21.81
CA PHE A 220 40.34 -7.92 21.51
C PHE A 220 39.49 -9.20 21.41
N LYS A 221 40.11 -10.38 21.25
CA LYS A 221 39.42 -11.71 21.21
C LYS A 221 38.66 -11.89 19.90
N PHE A 222 39.38 -12.12 18.80
CA PHE A 222 38.81 -12.45 17.46
C PHE A 222 39.86 -13.21 16.65
N VAL B 3 4.53 14.63 -2.37
CA VAL B 3 4.38 13.16 -2.71
C VAL B 3 4.88 12.32 -1.52
N LYS B 4 4.17 11.24 -1.20
CA LYS B 4 4.57 10.30 -0.13
C LYS B 4 5.83 9.57 -0.55
N PRO B 5 6.80 9.35 0.35
CA PRO B 5 7.93 8.47 0.07
C PRO B 5 7.45 7.07 -0.27
N MET B 6 8.26 6.42 -1.08
CA MET B 6 8.02 5.07 -1.60
C MET B 6 9.18 4.20 -1.15
N LEU B 7 8.86 3.09 -0.51
CA LEU B 7 9.85 2.20 0.15
C LEU B 7 9.90 0.92 -0.67
N HIS B 8 11.08 0.56 -1.16
CA HIS B 8 11.29 -0.67 -1.96
C HIS B 8 12.04 -1.68 -1.11
N TYR B 9 11.39 -2.78 -0.78
CA TYR B 9 11.99 -3.86 0.03
C TYR B 9 11.13 -5.12 -0.07
N PHE B 10 11.67 -6.23 0.41
CA PHE B 10 10.89 -7.45 0.71
C PHE B 10 9.76 -7.06 1.66
N ASN B 11 8.64 -7.79 1.58
CA ASN B 11 7.48 -7.64 2.49
C ASN B 11 7.83 -8.32 3.83
N GLY B 12 8.64 -7.65 4.64
CA GLY B 12 9.25 -8.17 5.87
C GLY B 12 10.08 -7.08 6.53
N ARG B 13 10.65 -7.38 7.69
CA ARG B 13 11.35 -6.34 8.50
C ARG B 13 12.69 -6.00 7.84
N GLY B 14 13.63 -6.90 7.94
CA GLY B 14 15.01 -6.75 7.47
C GLY B 14 15.55 -5.36 7.72
N ARG B 15 16.25 -4.79 6.73
CA ARG B 15 16.98 -3.52 6.90
C ARG B 15 16.03 -2.33 6.73
N MET B 16 14.83 -2.55 6.19
CA MET B 16 13.86 -1.45 5.97
C MET B 16 13.06 -1.13 7.24
N GLU B 17 12.93 -2.08 8.16
CA GLU B 17 12.07 -1.87 9.38
C GLU B 17 12.37 -0.59 10.16
N PRO B 18 13.66 -0.21 10.42
CA PRO B 18 13.94 1.04 11.13
C PRO B 18 13.55 2.33 10.41
N ILE B 19 13.52 2.29 9.08
CA ILE B 19 13.00 3.39 8.23
C ILE B 19 11.48 3.51 8.40
N ARG B 20 10.79 2.37 8.43
CA ARG B 20 9.32 2.36 8.62
C ARG B 20 8.98 3.01 9.97
N TRP B 21 9.68 2.58 11.01
CA TRP B 21 9.51 3.10 12.39
C TRP B 21 9.75 4.61 12.41
N LEU B 22 10.81 5.07 11.75
CA LEU B 22 11.24 6.49 11.90
C LEU B 22 10.27 7.37 11.12
N LEU B 23 9.95 6.99 9.87
CA LEU B 23 8.95 7.74 9.07
C LEU B 23 7.63 7.75 9.82
N ALA B 24 7.16 6.58 10.25
CA ALA B 24 5.91 6.47 11.05
C ALA B 24 5.98 7.42 12.28
N ALA B 25 7.06 7.36 13.06
CA ALA B 25 7.19 8.18 14.27
C ALA B 25 7.10 9.67 13.91
N ALA B 26 7.64 10.07 12.75
CA ALA B 26 7.66 11.48 12.32
C ALA B 26 6.27 11.85 11.79
N GLY B 27 5.36 10.89 11.70
CA GLY B 27 3.99 11.13 11.22
C GLY B 27 3.94 11.28 9.72
N VAL B 28 4.86 10.65 8.99
CA VAL B 28 4.94 10.70 7.49
C VAL B 28 4.23 9.46 6.92
N GLU B 29 3.14 9.69 6.20
CA GLU B 29 2.45 8.67 5.35
C GLU B 29 3.42 8.24 4.25
N PHE B 30 3.56 6.93 4.06
CA PHE B 30 4.45 6.40 3.00
C PHE B 30 3.75 5.25 2.29
N GLU B 31 4.27 4.87 1.12
CA GLU B 31 3.81 3.70 0.37
C GLU B 31 4.98 2.72 0.23
N GLU B 32 4.64 1.45 -0.05
CA GLU B 32 5.63 0.37 -0.18
C GLU B 32 5.36 -0.39 -1.49
N THR B 33 6.41 -0.62 -2.26
CA THR B 33 6.42 -1.56 -3.38
C THR B 33 7.23 -2.79 -2.93
N PHE B 34 6.57 -3.89 -2.67
CA PHE B 34 7.20 -5.13 -2.21
C PHE B 34 7.93 -5.79 -3.36
N ILE B 35 9.07 -6.37 -3.02
CA ILE B 35 9.90 -7.26 -3.88
C ILE B 35 9.44 -8.69 -3.54
N ASP B 36 8.52 -9.23 -4.33
CA ASP B 36 7.93 -10.57 -4.05
C ASP B 36 8.69 -11.67 -4.82
N THR B 37 9.35 -11.32 -5.92
CA THR B 37 9.99 -12.25 -6.90
C THR B 37 11.39 -11.78 -7.32
N PRO B 38 12.31 -12.71 -7.69
CA PRO B 38 13.59 -12.32 -8.28
C PRO B 38 13.44 -11.24 -9.36
N GLU B 39 12.37 -11.32 -10.14
CA GLU B 39 12.12 -10.43 -11.30
C GLU B 39 11.73 -9.03 -10.78
N ASP B 40 11.14 -8.92 -9.59
CA ASP B 40 10.84 -7.58 -9.01
C ASP B 40 12.15 -6.85 -8.72
N PHE B 41 13.14 -7.61 -8.28
CA PHE B 41 14.47 -7.10 -7.85
C PHE B 41 15.25 -6.69 -9.10
N GLU B 42 15.30 -7.64 -10.04
CA GLU B 42 15.93 -7.46 -11.37
C GLU B 42 15.41 -6.18 -12.03
N LYS B 43 14.14 -5.89 -11.91
CA LYS B 43 13.52 -4.68 -12.51
C LYS B 43 14.16 -3.41 -11.93
N LEU B 44 14.41 -3.35 -10.60
CA LEU B 44 14.99 -2.15 -9.94
C LEU B 44 16.43 -1.93 -10.41
N LYS B 45 17.21 -3.01 -10.46
CA LYS B 45 18.60 -3.02 -10.97
C LYS B 45 18.64 -2.52 -12.42
N ASN B 46 17.79 -3.08 -13.29
CA ASN B 46 17.75 -2.73 -14.74
C ASN B 46 17.22 -1.30 -14.87
N ASP B 47 16.41 -0.79 -13.96
CA ASP B 47 15.92 0.62 -14.00
C ASP B 47 17.05 1.61 -13.76
N GLY B 48 18.23 1.15 -13.26
CA GLY B 48 19.31 2.03 -12.74
C GLY B 48 18.96 2.73 -11.41
N SER B 49 18.01 2.21 -10.63
CA SER B 49 17.44 2.87 -9.42
C SER B 49 18.36 2.72 -8.19
N LEU B 50 19.15 1.65 -8.20
CA LEU B 50 19.98 1.12 -7.09
C LEU B 50 21.48 1.41 -7.35
N MET B 51 22.02 2.44 -6.71
CA MET B 51 23.45 2.82 -6.90
C MET B 51 24.38 1.61 -6.72
N PHE B 52 24.12 0.72 -5.78
CA PHE B 52 25.00 -0.42 -5.47
C PHE B 52 24.27 -1.74 -5.74
N GLN B 53 23.22 -1.73 -6.59
CA GLN B 53 22.49 -2.99 -6.96
C GLN B 53 21.80 -3.62 -5.74
N GLN B 54 21.52 -2.81 -4.70
CA GLN B 54 20.93 -3.26 -3.43
C GLN B 54 19.75 -2.41 -2.99
N VAL B 55 18.88 -3.01 -2.17
CA VAL B 55 17.83 -2.30 -1.37
C VAL B 55 18.27 -2.43 0.08
N PRO B 56 17.70 -1.71 1.06
CA PRO B 56 16.67 -0.70 0.87
C PRO B 56 16.90 0.39 -0.16
N MET B 57 15.80 0.80 -0.82
CA MET B 57 15.80 2.05 -1.63
C MET B 57 14.55 2.81 -1.25
N VAL B 58 14.65 4.11 -1.15
CA VAL B 58 13.48 4.96 -0.81
C VAL B 58 13.45 6.12 -1.77
N GLU B 59 12.36 6.28 -2.51
CA GLU B 59 12.15 7.48 -3.36
C GLU B 59 11.59 8.55 -2.43
N ILE B 60 12.34 9.63 -2.23
CA ILE B 60 11.84 10.71 -1.35
C ILE B 60 12.42 12.01 -1.88
N ASP B 61 11.55 13.04 -2.01
CA ASP B 61 11.97 14.43 -2.37
C ASP B 61 12.84 14.41 -3.64
N GLY B 62 12.44 13.62 -4.62
CA GLY B 62 13.07 13.53 -5.94
C GLY B 62 14.36 12.75 -5.93
N MET B 63 14.70 12.04 -4.85
CA MET B 63 15.93 11.18 -4.87
C MET B 63 15.51 9.72 -4.83
N LYS B 64 16.31 8.84 -5.38
CA LYS B 64 16.29 7.38 -5.15
C LYS B 64 17.44 7.10 -4.18
N LEU B 65 17.19 7.18 -2.87
CA LEU B 65 18.23 7.02 -1.84
C LEU B 65 18.42 5.53 -1.56
N VAL B 66 19.62 5.01 -1.67
CA VAL B 66 19.96 3.68 -1.11
C VAL B 66 20.89 3.89 0.11
N GLN B 67 21.25 2.79 0.78
CA GLN B 67 22.01 2.75 2.07
C GLN B 67 21.09 3.16 3.24
N SER B 68 20.71 2.20 4.06
N SER B 68 20.71 2.19 4.06
CA SER B 68 19.77 2.42 5.20
CA SER B 68 19.79 2.39 5.22
C SER B 68 20.18 3.65 6.00
C SER B 68 20.18 3.64 6.00
N ARG B 69 21.46 3.80 6.35
CA ARG B 69 21.93 4.94 7.17
C ARG B 69 21.74 6.27 6.45
N ALA B 70 21.98 6.33 5.15
CA ALA B 70 21.80 7.57 4.36
C ALA B 70 20.34 7.98 4.40
N ILE B 71 19.45 7.03 4.20
CA ILE B 71 17.97 7.28 4.22
C ILE B 71 17.55 7.77 5.62
N LEU B 72 18.00 7.08 6.67
CA LEU B 72 17.62 7.44 8.08
C LEU B 72 18.15 8.82 8.43
N ASN B 73 19.41 9.09 8.09
CA ASN B 73 20.07 10.39 8.42
C ASN B 73 19.27 11.53 7.77
N TYR B 74 18.84 11.34 6.53
CA TYR B 74 18.04 12.33 5.78
C TYR B 74 16.65 12.51 6.45
N VAL B 75 15.95 11.42 6.66
CA VAL B 75 14.60 11.50 7.28
C VAL B 75 14.72 12.16 8.67
N ALA B 76 15.68 11.75 9.48
CA ALA B 76 15.85 12.28 10.85
C ALA B 76 16.14 13.78 10.78
N ALA B 77 17.00 14.21 9.88
CA ALA B 77 17.37 15.65 9.79
C ALA B 77 16.17 16.43 9.26
N LYS B 78 15.49 15.94 8.24
CA LYS B 78 14.31 16.62 7.66
C LYS B 78 13.25 16.88 8.73
N HIS B 79 12.98 15.92 9.60
CA HIS B 79 11.82 15.96 10.55
C HIS B 79 12.28 16.30 11.98
N ASN B 80 13.45 16.91 12.12
CA ASN B 80 13.96 17.49 13.40
C ASN B 80 14.02 16.42 14.48
N LEU B 81 14.50 15.22 14.14
CA LEU B 81 14.69 14.07 15.05
C LEU B 81 16.17 13.75 15.22
N TYR B 82 17.06 14.69 14.86
CA TYR B 82 18.51 14.42 14.84
C TYR B 82 19.22 15.42 15.74
N GLY B 83 18.57 15.88 16.82
CA GLY B 83 19.19 16.79 17.78
C GLY B 83 19.19 18.23 17.26
N LYS B 84 19.57 19.15 18.13
CA LYS B 84 19.51 20.62 17.88
C LYS B 84 20.88 21.11 17.38
N ASP B 85 21.97 20.39 17.70
CA ASP B 85 23.39 20.78 17.36
C ASP B 85 24.26 19.52 17.18
N ILE B 86 25.52 19.71 16.72
CA ILE B 86 26.37 18.55 16.31
C ILE B 86 26.79 17.76 17.55
N LYS B 87 26.82 18.41 18.71
CA LYS B 87 27.07 17.71 20.00
C LYS B 87 25.92 16.76 20.31
N GLU B 88 24.67 17.18 20.16
CA GLU B 88 23.51 16.27 20.38
C GLU B 88 23.52 15.14 19.36
N ARG B 89 23.93 15.42 18.11
N ARG B 89 23.94 15.43 18.13
CA ARG B 89 23.99 14.41 17.02
CA ARG B 89 24.01 14.45 17.01
C ARG B 89 25.09 13.38 17.34
C ARG B 89 25.09 13.40 17.32
N ALA B 90 26.15 13.84 17.99
CA ALA B 90 27.25 12.95 18.40
C ALA B 90 26.75 11.92 19.44
N LEU B 91 25.98 12.39 20.42
CA LEU B 91 25.34 11.48 21.40
C LEU B 91 24.36 10.56 20.68
N ILE B 92 23.46 11.14 19.89
CA ILE B 92 22.43 10.35 19.14
C ILE B 92 23.16 9.27 18.35
N ASP B 93 24.21 9.67 17.61
CA ASP B 93 24.91 8.77 16.68
C ASP B 93 25.58 7.65 17.47
N MET B 94 26.21 8.00 18.59
CA MET B 94 26.92 7.03 19.44
C MET B 94 25.89 6.01 19.96
N TYR B 95 24.74 6.49 20.44
CA TYR B 95 23.67 5.59 20.96
C TYR B 95 23.15 4.67 19.85
N ILE B 96 22.81 5.23 18.69
CA ILE B 96 22.08 4.40 17.67
C ILE B 96 23.05 3.44 16.98
N GLU B 97 24.36 3.74 16.99
CA GLU B 97 25.37 2.82 16.40
C GLU B 97 25.53 1.58 17.31
N GLY B 98 25.36 1.76 18.62
CA GLY B 98 25.28 0.63 19.55
C GLY B 98 24.01 -0.15 19.30
N VAL B 99 22.89 0.56 19.18
CA VAL B 99 21.62 -0.14 18.81
C VAL B 99 21.88 -0.95 17.56
N ALA B 100 22.56 -0.37 16.56
CA ALA B 100 22.75 -0.99 15.24
C ALA B 100 23.52 -2.30 15.40
N ASP B 101 24.53 -2.32 16.25
CA ASP B 101 25.40 -3.52 16.42
C ASP B 101 24.57 -4.69 17.03
N LEU B 102 23.73 -4.41 18.03
CA LEU B 102 22.91 -5.48 18.63
C LEU B 102 21.83 -5.88 17.63
N ASN B 103 21.24 -4.90 16.96
CA ASN B 103 20.26 -5.18 15.87
C ASN B 103 20.81 -6.16 14.83
N GLU B 104 22.06 -5.94 14.40
CA GLU B 104 22.67 -6.72 13.31
C GLU B 104 22.78 -8.18 13.74
N MET B 105 23.09 -8.43 15.02
CA MET B 105 23.24 -9.80 15.57
C MET B 105 21.88 -10.51 15.48
N ILE B 106 20.82 -9.82 15.87
CA ILE B 106 19.41 -10.30 15.87
C ILE B 106 18.95 -10.49 14.43
N LEU B 107 19.23 -9.52 13.56
CA LEU B 107 18.86 -9.54 12.13
C LEU B 107 19.37 -10.79 11.43
N LEU B 108 20.54 -11.28 11.79
CA LEU B 108 21.21 -12.41 11.08
C LEU B 108 20.98 -13.75 11.80
N LEU B 109 20.28 -13.76 12.93
CA LEU B 109 19.93 -15.02 13.67
C LEU B 109 19.28 -16.03 12.73
N PRO B 110 18.21 -15.65 11.99
CA PRO B 110 17.49 -16.58 11.12
C PRO B 110 18.36 -17.34 10.10
N ILE B 111 19.49 -16.78 9.69
CA ILE B 111 20.38 -17.40 8.66
C ILE B 111 21.65 -17.92 9.33
N THR B 112 21.68 -18.01 10.65
CA THR B 112 22.79 -18.69 11.39
C THR B 112 22.66 -20.19 11.16
N PRO B 113 23.78 -20.91 10.81
CA PRO B 113 23.76 -22.37 10.73
C PRO B 113 23.13 -22.94 11.99
N PRO B 114 22.22 -23.94 11.87
CA PRO B 114 21.42 -24.37 13.03
C PRO B 114 22.25 -24.98 14.17
N ALA B 115 23.45 -25.51 13.87
CA ALA B 115 24.40 -26.07 14.87
C ALA B 115 24.85 -25.00 15.86
N GLU B 116 25.15 -23.77 15.40
CA GLU B 116 25.77 -22.70 16.24
C GLU B 116 24.73 -21.63 16.62
N LYS B 117 23.45 -21.88 16.34
CA LYS B 117 22.36 -20.91 16.57
C LYS B 117 22.18 -20.68 18.07
N ASP B 118 22.21 -21.75 18.87
CA ASP B 118 22.14 -21.70 20.36
C ASP B 118 23.24 -20.83 20.94
N ALA B 119 24.48 -21.06 20.51
CA ALA B 119 25.67 -20.27 20.94
C ALA B 119 25.43 -18.80 20.56
N LYS B 120 24.90 -18.55 19.36
CA LYS B 120 24.62 -17.19 18.86
C LYS B 120 23.59 -16.52 19.76
N ILE B 121 22.52 -17.25 20.13
CA ILE B 121 21.46 -16.70 21.02
C ILE B 121 22.06 -16.40 22.39
N MET B 122 22.91 -17.27 22.93
CA MET B 122 23.62 -17.06 24.23
C MET B 122 24.42 -15.75 24.15
N LEU B 123 25.20 -15.59 23.07
CA LEU B 123 26.04 -14.37 22.88
C LEU B 123 25.13 -13.12 22.85
N ILE B 124 24.05 -13.17 22.09
CA ILE B 124 23.11 -12.01 21.96
C ILE B 124 22.56 -11.65 23.34
N LYS B 125 22.12 -12.65 24.10
CA LYS B 125 21.56 -12.41 25.46
C LYS B 125 22.66 -11.81 26.37
N ASP B 126 23.85 -12.35 26.28
CA ASP B 126 25.01 -11.85 27.08
C ASP B 126 25.24 -10.34 26.73
N ARG B 127 25.32 -10.01 25.44
CA ARG B 127 25.53 -8.64 24.95
C ARG B 127 24.37 -7.74 25.38
N THR B 128 23.16 -8.25 25.29
CA THR B 128 21.95 -7.51 25.62
C THR B 128 22.02 -7.08 27.09
N THR B 129 22.23 -8.03 27.98
CA THR B 129 22.09 -7.82 29.47
C THR B 129 23.35 -7.19 30.06
N ASN B 130 24.53 -7.47 29.49
CA ASN B 130 25.84 -7.07 30.07
C ASN B 130 26.48 -5.88 29.34
N ARG B 131 26.08 -5.57 28.11
CA ARG B 131 26.71 -4.47 27.33
C ARG B 131 25.68 -3.38 26.98
N TYR B 132 24.66 -3.71 26.16
CA TYR B 132 23.86 -2.65 25.50
C TYR B 132 22.86 -2.06 26.48
N LEU B 133 21.98 -2.87 27.07
CA LEU B 133 20.85 -2.31 27.86
C LEU B 133 21.40 -1.56 29.08
N PRO B 134 22.43 -2.10 29.78
CA PRO B 134 23.06 -1.39 30.89
C PRO B 134 23.46 0.02 30.47
N ALA B 135 24.06 0.13 29.27
CA ALA B 135 24.60 1.41 28.75
C ALA B 135 23.44 2.40 28.55
N PHE B 136 22.33 1.96 27.95
CA PHE B 136 21.18 2.87 27.70
C PHE B 136 20.46 3.19 29.03
N GLU B 137 20.28 2.17 29.87
CA GLU B 137 19.69 2.40 31.23
C GLU B 137 20.48 3.49 31.97
N LYS B 138 21.83 3.46 31.87
CA LYS B 138 22.71 4.45 32.57
C LYS B 138 22.44 5.85 32.01
N VAL B 139 22.16 5.97 30.72
CA VAL B 139 21.89 7.32 30.11
C VAL B 139 20.63 7.90 30.74
N LEU B 140 19.58 7.09 30.84
CA LEU B 140 18.27 7.54 31.39
C LEU B 140 18.46 7.83 32.89
N LYS B 141 19.18 6.95 33.59
CA LYS B 141 19.49 7.13 35.04
C LYS B 141 20.19 8.48 35.23
N SER B 142 21.16 8.81 34.38
CA SER B 142 22.07 9.95 34.61
C SER B 142 21.30 11.28 34.57
N HIS B 143 20.24 11.43 33.77
CA HIS B 143 19.59 12.76 33.63
C HIS B 143 18.15 12.68 34.11
N GLY B 144 17.61 11.46 34.31
CA GLY B 144 16.21 11.22 34.72
C GLY B 144 15.17 11.88 33.83
N GLU B 145 15.48 12.23 32.59
CA GLU B 145 14.51 12.84 31.62
C GLU B 145 13.77 11.75 30.81
N ASP B 146 12.73 12.16 30.12
CA ASP B 146 11.80 11.25 29.37
C ASP B 146 12.43 10.73 28.04
N TYR B 147 13.44 11.39 27.50
CA TYR B 147 14.10 11.09 26.19
C TYR B 147 15.60 10.91 26.40
N LEU B 148 16.27 10.12 25.54
CA LEU B 148 17.72 9.84 25.71
C LEU B 148 18.56 11.11 25.56
N VAL B 149 18.18 12.05 24.68
CA VAL B 149 19.03 13.22 24.33
C VAL B 149 18.20 14.50 24.27
N GLY B 150 18.72 15.58 24.87
CA GLY B 150 18.23 16.95 24.66
C GLY B 150 16.89 17.15 25.32
N ASN B 151 16.49 16.21 26.19
CA ASN B 151 15.15 16.22 26.83
C ASN B 151 14.08 16.41 25.75
N ARG B 152 14.20 15.70 24.64
CA ARG B 152 13.33 15.93 23.45
C ARG B 152 13.36 14.65 22.63
N LEU B 153 12.25 14.36 21.94
CA LEU B 153 12.12 13.16 21.08
C LEU B 153 13.17 13.26 19.98
N SER B 154 13.94 12.18 19.81
CA SER B 154 14.97 12.03 18.75
C SER B 154 14.85 10.61 18.18
N ARG B 155 15.52 10.38 17.06
CA ARG B 155 15.60 9.07 16.43
C ARG B 155 16.20 8.06 17.41
N ALA B 156 17.01 8.50 18.40
CA ALA B 156 17.63 7.56 19.38
C ALA B 156 16.54 6.80 20.17
N ASP B 157 15.49 7.51 20.58
CA ASP B 157 14.34 6.94 21.33
C ASP B 157 13.62 5.90 20.47
N ILE B 158 13.35 6.28 19.21
CA ILE B 158 12.61 5.43 18.22
C ILE B 158 13.43 4.16 17.94
N HIS B 159 14.74 4.31 17.66
CA HIS B 159 15.58 3.14 17.28
C HIS B 159 15.74 2.22 18.50
N LEU B 160 16.04 2.78 19.67
CA LEU B 160 16.16 1.95 20.91
C LEU B 160 14.82 1.23 21.19
N VAL B 161 13.70 1.94 21.15
CA VAL B 161 12.39 1.27 21.49
C VAL B 161 12.06 0.17 20.48
N GLU B 162 12.36 0.35 19.19
CA GLU B 162 12.28 -0.72 18.18
C GLU B 162 13.08 -1.93 18.67
N LEU B 163 14.31 -1.69 19.11
CA LEU B 163 15.23 -2.78 19.53
C LEU B 163 14.69 -3.43 20.82
N LEU B 164 14.09 -2.65 21.72
CA LEU B 164 13.51 -3.24 22.97
C LEU B 164 12.39 -4.23 22.63
N TYR B 165 11.55 -3.92 21.65
CA TYR B 165 10.53 -4.86 21.14
C TYR B 165 11.18 -6.15 20.64
N LEU B 166 12.27 -6.04 19.88
CA LEU B 166 12.95 -7.23 19.33
C LEU B 166 13.51 -8.09 20.48
N VAL B 167 14.16 -7.44 21.44
CA VAL B 167 14.69 -8.12 22.65
C VAL B 167 13.54 -8.85 23.36
N GLU B 168 12.42 -8.16 23.60
CA GLU B 168 11.23 -8.76 24.23
C GLU B 168 10.73 -9.97 23.42
N GLU B 169 10.77 -9.90 22.10
CA GLU B 169 10.37 -11.04 21.24
C GLU B 169 11.35 -12.19 21.43
N LEU B 170 12.64 -11.90 21.60
CA LEU B 170 13.65 -12.96 21.78
C LEU B 170 13.43 -13.64 23.14
N ASP B 171 13.19 -12.86 24.19
CA ASP B 171 13.01 -13.38 25.57
C ASP B 171 12.59 -12.20 26.47
N PRO B 172 11.33 -12.13 26.96
CA PRO B 172 10.89 -10.97 27.75
C PRO B 172 11.67 -10.73 29.04
N SER B 173 12.26 -11.80 29.62
CA SER B 173 13.00 -11.73 30.90
C SER B 173 14.25 -10.84 30.74
N LEU B 174 14.72 -10.64 29.51
CA LEU B 174 15.89 -9.78 29.20
C LEU B 174 15.63 -8.32 29.59
N LEU B 175 14.39 -7.84 29.62
CA LEU B 175 14.09 -6.44 30.05
C LEU B 175 13.88 -6.33 31.58
N THR B 176 13.82 -7.45 32.30
CA THR B 176 13.47 -7.51 33.74
C THR B 176 14.24 -6.47 34.52
N ASN B 177 15.57 -6.44 34.38
CA ASN B 177 16.42 -5.55 35.22
C ASN B 177 16.52 -4.13 34.65
N PHE B 178 15.66 -3.72 33.71
CA PHE B 178 15.85 -2.41 33.02
C PHE B 178 14.58 -1.62 33.08
N PRO B 179 14.19 -1.19 34.29
CA PRO B 179 12.92 -0.52 34.46
C PRO B 179 12.84 0.79 33.67
N LEU B 180 13.89 1.58 33.60
CA LEU B 180 13.77 2.91 32.92
C LEU B 180 13.54 2.69 31.40
N LEU B 181 13.98 1.55 30.85
CA LEU B 181 13.96 1.20 29.40
C LEU B 181 12.54 0.73 29.09
N LYS B 182 11.99 -0.10 29.97
CA LYS B 182 10.54 -0.47 29.95
C LYS B 182 9.70 0.80 29.97
N ALA B 183 10.03 1.74 30.83
CA ALA B 183 9.24 2.98 30.93
C ALA B 183 9.32 3.74 29.60
N LEU B 184 10.53 3.87 29.01
CA LEU B 184 10.72 4.56 27.71
C LEU B 184 9.82 3.92 26.64
N LYS B 185 9.91 2.58 26.53
CA LYS B 185 9.15 1.73 25.61
C LYS B 185 7.66 2.03 25.76
N ALA B 186 7.15 2.16 26.98
CA ALA B 186 5.73 2.41 27.25
C ALA B 186 5.41 3.84 26.82
N ARG B 187 6.28 4.83 27.12
CA ARG B 187 5.96 6.22 26.76
C ARG B 187 6.02 6.35 25.22
N ILE B 188 7.04 5.75 24.57
CA ILE B 188 7.29 6.00 23.12
C ILE B 188 6.19 5.31 22.31
N SER B 189 5.84 4.07 22.68
CA SER B 189 4.72 3.27 22.16
C SER B 189 3.39 4.03 22.22
N ASN B 190 3.25 5.05 23.06
CA ASN B 190 1.96 5.80 23.27
C ASN B 190 2.02 7.18 22.65
N LEU B 191 3.12 7.61 22.02
CA LEU B 191 3.06 8.77 21.10
C LEU B 191 2.03 8.45 20.03
N PRO B 192 1.14 9.40 19.68
CA PRO B 192 0.08 9.17 18.68
C PRO B 192 0.55 8.44 17.40
N THR B 193 1.65 8.92 16.80
CA THR B 193 2.13 8.37 15.48
C THR B 193 2.65 6.93 15.70
N VAL B 194 3.36 6.69 16.78
CA VAL B 194 3.98 5.35 16.98
C VAL B 194 2.85 4.37 17.30
N LYS B 195 1.83 4.86 18.01
CA LYS B 195 0.69 4.04 18.45
C LYS B 195 0.00 3.50 17.18
N LYS B 196 -0.38 4.38 16.29
CA LYS B 196 -1.01 3.95 15.00
C LYS B 196 -0.12 2.93 14.29
N PHE B 197 1.20 3.20 14.23
CA PHE B 197 2.18 2.31 13.56
C PHE B 197 2.15 0.91 14.19
N LEU B 198 1.97 0.81 15.51
CA LEU B 198 2.02 -0.48 16.25
C LEU B 198 0.63 -1.14 16.29
N GLN B 199 -0.43 -0.38 16.16
CA GLN B 199 -1.81 -0.95 16.24
C GLN B 199 -2.13 -1.75 14.99
N PRO B 200 -3.19 -2.58 15.03
CA PRO B 200 -3.64 -3.33 13.84
C PRO B 200 -3.78 -2.43 12.62
N GLY B 201 -3.21 -2.89 11.51
CA GLY B 201 -3.32 -2.18 10.23
C GLY B 201 -2.23 -1.14 10.05
N GLY B 202 -1.33 -0.98 11.02
CA GLY B 202 -0.14 -0.12 10.85
C GLY B 202 0.88 -0.80 9.98
N ALA B 203 1.86 -0.04 9.53
CA ALA B 203 2.88 -0.47 8.54
C ALA B 203 3.92 -1.42 9.18
N ARG B 204 3.93 -1.56 10.52
CA ARG B 204 4.95 -2.38 11.18
C ARG B 204 4.89 -3.81 10.63
N LYS B 205 6.03 -4.44 10.39
CA LYS B 205 6.06 -5.78 9.77
C LYS B 205 6.17 -6.83 10.88
N PRO B 206 5.62 -8.02 10.64
CA PRO B 206 5.75 -9.13 11.58
C PRO B 206 7.12 -9.74 11.56
N PRO B 207 7.51 -10.53 12.58
CA PRO B 207 8.75 -11.31 12.55
C PRO B 207 8.65 -12.28 11.38
N GLY B 208 9.78 -12.70 10.82
CA GLY B 208 9.80 -13.67 9.72
C GLY B 208 9.58 -15.08 10.23
N ASP B 209 9.25 -16.00 9.32
CA ASP B 209 9.18 -17.46 9.62
C ASP B 209 10.15 -18.17 8.68
N GLU B 210 10.29 -19.49 8.86
CA GLU B 210 11.18 -20.39 8.06
C GLU B 210 10.98 -20.15 6.56
N LYS B 211 9.75 -19.82 6.16
CA LYS B 211 9.31 -19.76 4.75
C LYS B 211 9.48 -18.33 4.21
N SER B 212 9.39 -17.29 5.05
CA SER B 212 9.70 -15.88 4.63
C SER B 212 11.23 -15.74 4.48
N VAL B 213 12.00 -16.44 5.32
CA VAL B 213 13.49 -16.46 5.30
C VAL B 213 13.94 -17.15 4.00
N GLU B 214 13.33 -18.29 3.66
CA GLU B 214 13.60 -19.07 2.42
C GLU B 214 13.30 -18.22 1.19
N LYS B 215 12.17 -17.52 1.19
CA LYS B 215 11.74 -16.67 0.06
C LYS B 215 12.76 -15.55 -0.17
N SER B 216 13.17 -14.85 0.90
CA SER B 216 14.12 -13.71 0.86
C SER B 216 15.50 -14.18 0.40
N ARG B 217 15.90 -15.38 0.81
CA ARG B 217 17.24 -15.99 0.52
C ARG B 217 17.38 -16.26 -0.98
N LYS B 218 16.33 -16.74 -1.65
CA LYS B 218 16.38 -17.05 -3.10
C LYS B 218 16.18 -15.79 -3.94
N ILE B 219 15.77 -14.65 -3.35
CA ILE B 219 15.64 -13.33 -4.06
C ILE B 219 16.95 -12.55 -3.90
N PHE B 220 17.57 -12.57 -2.71
CA PHE B 220 18.72 -11.70 -2.38
C PHE B 220 20.04 -12.48 -2.30
N LYS B 221 19.99 -13.82 -2.15
CA LYS B 221 21.15 -14.76 -2.24
C LYS B 221 21.99 -14.63 -0.97
N PHE B 222 21.49 -15.05 0.20
CA PHE B 222 22.14 -14.79 1.51
C PHE B 222 21.76 -15.89 2.51
N VAL C 3 -8.70 -14.75 -27.72
CA VAL C 3 -8.65 -13.29 -28.09
C VAL C 3 -8.81 -12.43 -26.81
N LYS C 4 -8.08 -11.32 -26.72
CA LYS C 4 -8.19 -10.37 -25.60
C LYS C 4 -9.56 -9.70 -25.65
N PRO C 5 -10.22 -9.47 -24.50
CA PRO C 5 -11.39 -8.61 -24.45
C PRO C 5 -11.09 -7.23 -24.96
N MET C 6 -12.10 -6.61 -25.54
CA MET C 6 -12.06 -5.28 -26.16
C MET C 6 -13.07 -4.38 -25.42
N LEU C 7 -12.60 -3.25 -24.94
CA LEU C 7 -13.39 -2.37 -24.04
C LEU C 7 -13.69 -1.10 -24.84
N HIS C 8 -14.96 -0.76 -24.98
CA HIS C 8 -15.41 0.42 -25.74
C HIS C 8 -15.91 1.46 -24.77
N TYR C 9 -15.21 2.57 -24.66
CA TYR C 9 -15.58 3.67 -23.75
C TYR C 9 -14.81 4.94 -24.15
N PHE C 10 -15.22 6.07 -23.58
CA PHE C 10 -14.40 7.31 -23.55
C PHE C 10 -13.04 6.96 -22.93
N ASN C 11 -12.01 7.71 -23.33
CA ASN C 11 -10.63 7.61 -22.79
C ASN C 11 -10.61 8.35 -21.46
N GLY C 12 -11.12 7.68 -20.42
CA GLY C 12 -11.40 8.27 -19.10
C GLY C 12 -11.94 7.19 -18.19
N ARG C 13 -12.15 7.53 -16.94
CA ARG C 13 -12.59 6.54 -15.92
C ARG C 13 -14.05 6.15 -16.17
N GLY C 14 -14.96 7.08 -15.86
CA GLY C 14 -16.42 6.88 -15.87
C GLY C 14 -16.79 5.47 -15.42
N ARG C 15 -17.73 4.85 -16.13
CA ARG C 15 -18.36 3.58 -15.68
C ARG C 15 -17.48 2.40 -16.09
N MET C 16 -16.49 2.60 -16.97
CA MET C 16 -15.61 1.50 -17.43
C MET C 16 -14.46 1.27 -16.43
N GLU C 17 -14.08 2.26 -15.61
CA GLU C 17 -12.91 2.13 -14.69
C GLU C 17 -12.93 0.86 -13.82
N PRO C 18 -14.05 0.47 -13.17
CA PRO C 18 -14.09 -0.75 -12.39
C PRO C 18 -13.89 -2.05 -13.16
N ILE C 19 -14.28 -2.07 -14.45
CA ILE C 19 -14.01 -3.21 -15.36
C ILE C 19 -12.51 -3.30 -15.65
N ARG C 20 -11.86 -2.16 -15.86
CA ARG C 20 -10.40 -2.14 -16.11
C ARG C 20 -9.68 -2.73 -14.88
N TRP C 21 -10.07 -2.27 -13.68
CA TRP C 21 -9.46 -2.73 -12.41
C TRP C 21 -9.67 -4.23 -12.26
N LEU C 22 -10.86 -4.74 -12.59
CA LEU C 22 -11.20 -6.13 -12.26
C LEU C 22 -10.50 -7.03 -13.26
N LEU C 23 -10.60 -6.72 -14.56
CA LEU C 23 -9.83 -7.49 -15.58
C LEU C 23 -8.34 -7.46 -15.25
N ALA C 24 -7.79 -6.28 -14.99
CA ALA C 24 -6.35 -6.12 -14.61
C ALA C 24 -6.05 -7.00 -13.38
N ALA C 25 -6.86 -6.93 -12.33
CA ALA C 25 -6.64 -7.70 -11.10
C ALA C 25 -6.63 -9.19 -11.43
N ALA C 26 -7.45 -9.63 -12.39
CA ALA C 26 -7.61 -11.06 -12.75
C ALA C 26 -6.42 -11.46 -13.62
N GLY C 27 -5.58 -10.49 -14.01
CA GLY C 27 -4.40 -10.77 -14.84
C GLY C 27 -4.80 -10.99 -16.28
N VAL C 28 -5.89 -10.37 -16.73
CA VAL C 28 -6.41 -10.50 -18.13
C VAL C 28 -5.93 -9.31 -18.93
N GLU C 29 -5.09 -9.57 -19.95
CA GLU C 29 -4.68 -8.56 -20.96
C GLU C 29 -5.91 -8.16 -21.75
N PHE C 30 -6.12 -6.86 -21.95
CA PHE C 30 -7.29 -6.39 -22.71
C PHE C 30 -6.87 -5.24 -23.62
N GLU C 31 -7.73 -4.91 -24.58
CA GLU C 31 -7.53 -3.76 -25.49
C GLU C 31 -8.70 -2.80 -25.32
N GLU C 32 -8.50 -1.57 -25.75
CA GLU C 32 -9.49 -0.49 -25.64
C GLU C 32 -9.60 0.22 -26.98
N THR C 33 -10.82 0.43 -27.42
CA THR C 33 -11.18 1.33 -28.51
C THR C 33 -11.82 2.56 -27.89
N PHE C 34 -11.14 3.67 -27.86
CA PHE C 34 -11.66 4.92 -27.30
C PHE C 34 -12.69 5.52 -28.26
N ILE C 35 -13.71 6.09 -27.64
CA ILE C 35 -14.77 6.91 -28.25
C ILE C 35 -14.28 8.37 -28.14
N ASP C 36 -13.64 8.87 -29.19
CA ASP C 36 -13.03 10.23 -29.16
C ASP C 36 -14.01 11.26 -29.74
N THR C 37 -14.95 10.83 -30.60
CA THR C 37 -15.88 11.70 -31.37
C THR C 37 -17.33 11.18 -31.34
N PRO C 38 -18.33 12.07 -31.47
CA PRO C 38 -19.72 11.64 -31.66
C PRO C 38 -19.86 10.52 -32.68
N GLU C 39 -19.07 10.57 -33.73
CA GLU C 39 -19.14 9.61 -34.86
C GLU C 39 -18.60 8.26 -34.41
N ASP C 40 -17.67 8.22 -33.46
CA ASP C 40 -17.17 6.91 -32.92
C ASP C 40 -18.33 6.16 -32.25
N PHE C 41 -19.17 6.92 -31.56
CA PHE C 41 -20.28 6.42 -30.72
C PHE C 41 -21.39 5.95 -31.67
N GLU C 42 -21.74 6.84 -32.59
CA GLU C 42 -22.74 6.60 -33.67
C GLU C 42 -22.39 5.30 -34.38
N LYS C 43 -21.12 5.02 -34.64
CA LYS C 43 -20.68 3.79 -35.36
C LYS C 43 -21.09 2.55 -34.57
N LEU C 44 -20.94 2.55 -33.23
CA LEU C 44 -21.28 1.37 -32.38
C LEU C 44 -22.79 1.11 -32.39
N LYS C 45 -23.58 2.18 -32.25
CA LYS C 45 -25.05 2.16 -32.34
C LYS C 45 -25.49 1.59 -33.71
N ASN C 46 -24.95 2.13 -34.81
CA ASN C 46 -25.31 1.71 -36.19
C ASN C 46 -24.80 0.28 -36.43
N ASP C 47 -23.76 -0.18 -35.75
CA ASP C 47 -23.26 -1.59 -35.85
C ASP C 47 -24.27 -2.58 -35.24
N GLY C 48 -25.25 -2.10 -34.46
CA GLY C 48 -26.13 -2.92 -33.60
C GLY C 48 -25.40 -3.55 -32.39
N SER C 49 -24.27 -3.00 -31.94
CA SER C 49 -23.37 -3.60 -30.92
C SER C 49 -23.89 -3.36 -29.50
N LEU C 50 -24.69 -2.31 -29.32
CA LEU C 50 -25.16 -1.75 -28.03
C LEU C 50 -26.66 -2.07 -27.79
N MET C 51 -26.97 -3.09 -27.02
CA MET C 51 -28.39 -3.48 -26.75
C MET C 51 -29.24 -2.27 -26.34
N PHE C 52 -28.75 -1.34 -25.54
CA PHE C 52 -29.56 -0.20 -25.05
C PHE C 52 -29.00 1.13 -25.56
N GLN C 53 -28.22 1.09 -26.68
CA GLN C 53 -27.66 2.30 -27.33
C GLN C 53 -26.67 3.01 -26.38
N GLN C 54 -26.07 2.23 -25.44
CA GLN C 54 -25.17 2.78 -24.40
C GLN C 54 -23.87 1.99 -24.32
N VAL C 55 -22.83 2.64 -23.79
CA VAL C 55 -21.59 1.97 -23.32
C VAL C 55 -21.61 2.16 -21.81
N PRO C 56 -20.73 1.49 -20.99
CA PRO C 56 -19.75 0.50 -21.47
C PRO C 56 -20.24 -0.64 -22.32
N MET C 57 -19.40 -1.06 -23.28
CA MET C 57 -19.60 -2.34 -24.00
C MET C 57 -18.28 -3.08 -23.98
N VAL C 58 -18.31 -4.39 -23.79
CA VAL C 58 -17.08 -5.19 -23.80
C VAL C 58 -17.30 -6.39 -24.68
N GLU C 59 -16.43 -6.58 -25.69
CA GLU C 59 -16.46 -7.80 -26.50
C GLU C 59 -15.64 -8.81 -25.75
N ILE C 60 -16.26 -9.91 -25.33
CA ILE C 60 -15.53 -10.97 -24.63
C ILE C 60 -16.22 -12.29 -24.92
N ASP C 61 -15.44 -13.32 -25.22
CA ASP C 61 -15.91 -14.73 -25.39
C ASP C 61 -17.09 -14.78 -26.37
N GLY C 62 -17.00 -14.02 -27.44
CA GLY C 62 -18.00 -13.97 -28.51
C GLY C 62 -19.25 -13.21 -28.13
N MET C 63 -19.28 -12.48 -27.02
CA MET C 63 -20.47 -11.61 -26.73
C MET C 63 -20.08 -10.14 -26.85
N LYS C 64 -21.03 -9.30 -27.20
CA LYS C 64 -20.98 -7.84 -27.03
C LYS C 64 -21.80 -7.51 -25.78
N LEU C 65 -21.16 -7.51 -24.61
CA LEU C 65 -21.88 -7.35 -23.31
C LEU C 65 -22.02 -5.85 -23.05
N VAL C 66 -23.22 -5.36 -22.81
CA VAL C 66 -23.39 -4.00 -22.22
C VAL C 66 -23.91 -4.15 -20.77
N GLN C 67 -24.08 -3.04 -20.06
CA GLN C 67 -24.43 -2.93 -18.62
C GLN C 67 -23.20 -3.27 -17.77
N SER C 68 -22.62 -2.27 -17.12
N SER C 68 -22.61 -2.26 -17.13
CA SER C 68 -21.40 -2.44 -16.30
CA SER C 68 -21.42 -2.41 -16.26
C SER C 68 -21.54 -3.65 -15.37
C SER C 68 -21.55 -3.66 -15.38
N ARG C 69 -22.67 -3.82 -14.66
CA ARG C 69 -22.85 -4.91 -13.69
C ARG C 69 -22.81 -6.28 -14.37
N ALA C 70 -23.43 -6.41 -15.55
CA ALA C 70 -23.46 -7.68 -16.29
C ALA C 70 -22.03 -8.07 -16.67
N ILE C 71 -21.26 -7.11 -17.16
CA ILE C 71 -19.85 -7.34 -17.60
C ILE C 71 -19.04 -7.77 -16.37
N LEU C 72 -19.16 -7.04 -15.24
CA LEU C 72 -18.36 -7.31 -14.01
C LEU C 72 -18.73 -8.68 -13.46
N ASN C 73 -20.03 -8.99 -13.40
CA ASN C 73 -20.54 -10.26 -12.86
C ASN C 73 -19.94 -11.42 -13.66
N TYR C 74 -19.89 -11.27 -14.97
CA TYR C 74 -19.35 -12.29 -15.90
C TYR C 74 -17.85 -12.46 -15.66
N VAL C 75 -17.12 -11.35 -15.68
CA VAL C 75 -15.65 -11.40 -15.47
C VAL C 75 -15.36 -12.02 -14.12
N ALA C 76 -16.04 -11.55 -13.06
CA ALA C 76 -15.79 -12.02 -11.69
C ALA C 76 -16.05 -13.54 -11.61
N ALA C 77 -17.13 -14.02 -12.21
CA ALA C 77 -17.50 -15.45 -12.12
C ALA C 77 -16.47 -16.26 -12.92
N LYS C 78 -16.14 -15.81 -14.12
CA LYS C 78 -15.17 -16.54 -14.97
C LYS C 78 -13.83 -16.75 -14.26
N HIS C 79 -13.34 -15.74 -13.56
CA HIS C 79 -11.96 -15.72 -12.98
C HIS C 79 -11.97 -16.03 -11.47
N ASN C 80 -13.03 -16.63 -10.96
CA ASN C 80 -13.17 -17.13 -9.57
C ASN C 80 -12.94 -16.00 -8.56
N LEU C 81 -13.48 -14.81 -8.82
CA LEU C 81 -13.40 -13.62 -7.93
C LEU C 81 -14.78 -13.26 -7.36
N TYR C 82 -15.72 -14.19 -7.39
CA TYR C 82 -17.12 -13.93 -6.98
C TYR C 82 -17.53 -14.89 -5.87
N GLY C 83 -16.62 -15.34 -5.05
CA GLY C 83 -16.92 -16.26 -3.94
C GLY C 83 -17.07 -17.70 -4.39
N LYS C 84 -17.08 -18.62 -3.44
CA LYS C 84 -17.10 -20.09 -3.67
C LYS C 84 -18.55 -20.61 -3.71
N ASP C 85 -19.49 -19.92 -3.05
CA ASP C 85 -20.92 -20.33 -2.93
C ASP C 85 -21.82 -19.09 -2.90
N ILE C 86 -23.14 -19.30 -2.97
CA ILE C 86 -24.10 -18.17 -3.16
C ILE C 86 -24.16 -17.34 -1.88
N LYS C 87 -23.85 -17.94 -0.74
CA LYS C 87 -23.73 -17.19 0.55
C LYS C 87 -22.55 -16.22 0.47
N GLU C 88 -21.38 -16.63 -0.01
CA GLU C 88 -20.22 -15.71 -0.18
C GLU C 88 -20.52 -14.61 -1.19
N ARG C 89 -21.24 -14.97 -2.27
N ARG C 89 -21.22 -14.97 -2.29
CA ARG C 89 -21.68 -14.00 -3.30
CA ARG C 89 -21.67 -13.99 -3.30
C ARG C 89 -22.59 -12.95 -2.66
C ARG C 89 -22.58 -12.96 -2.65
N ALA C 90 -23.49 -13.39 -1.76
CA ALA C 90 -24.44 -12.50 -1.08
C ALA C 90 -23.66 -11.44 -0.28
N LEU C 91 -22.65 -11.87 0.45
CA LEU C 91 -21.80 -10.90 1.18
C LEU C 91 -21.07 -10.00 0.17
N ILE C 92 -20.43 -10.60 -0.84
CA ILE C 92 -19.67 -9.82 -1.86
C ILE C 92 -20.62 -8.78 -2.46
N ASP C 93 -21.83 -9.23 -2.84
CA ASP C 93 -22.81 -8.37 -3.54
C ASP C 93 -23.23 -7.22 -2.62
N MET C 94 -23.51 -7.54 -1.35
CA MET C 94 -23.95 -6.55 -0.36
C MET C 94 -22.83 -5.50 -0.20
N TYR C 95 -21.59 -5.95 -0.09
CA TYR C 95 -20.42 -5.03 0.05
C TYR C 95 -20.29 -4.15 -1.21
N ILE C 96 -20.28 -4.75 -2.38
CA ILE C 96 -19.92 -3.96 -3.61
C ILE C 96 -21.08 -3.04 -4.00
N GLU C 97 -22.32 -3.35 -3.61
CA GLU C 97 -23.49 -2.46 -3.90
C GLU C 97 -23.39 -1.20 -3.01
N GLY C 98 -22.83 -1.32 -1.82
CA GLY C 98 -22.51 -0.15 -1.01
C GLY C 98 -21.36 0.63 -1.64
N VAL C 99 -20.32 -0.07 -2.07
CA VAL C 99 -19.24 0.61 -2.84
C VAL C 99 -19.90 1.38 -3.99
N ALA C 100 -20.85 0.76 -4.70
CA ALA C 100 -21.45 1.32 -5.92
C ALA C 100 -22.15 2.63 -5.60
N ASP C 101 -22.88 2.66 -4.48
CA ASP C 101 -23.69 3.84 -4.10
C ASP C 101 -22.74 5.05 -3.82
N LEU C 102 -21.65 4.84 -3.11
CA LEU C 102 -20.71 5.95 -2.81
C LEU C 102 -19.97 6.32 -4.10
N ASN C 103 -19.57 5.32 -4.88
CA ASN C 103 -18.93 5.57 -6.20
C ASN C 103 -19.78 6.47 -7.09
N GLU C 104 -21.09 6.21 -7.13
CA GLU C 104 -22.02 6.92 -8.03
C GLU C 104 -22.06 8.40 -7.66
N MET C 105 -21.97 8.71 -6.38
CA MET C 105 -22.02 10.10 -5.87
C MET C 105 -20.78 10.82 -6.38
N ILE C 106 -19.62 10.17 -6.29
CA ILE C 106 -18.30 10.70 -6.69
C ILE C 106 -18.30 10.82 -8.21
N LEU C 107 -18.75 9.79 -8.91
CA LEU C 107 -18.78 9.76 -10.40
C LEU C 107 -19.51 10.99 -10.97
N LEU C 108 -20.58 11.46 -10.32
CA LEU C 108 -21.46 12.51 -10.86
C LEU C 108 -21.09 13.90 -10.30
N LEU C 109 -20.11 14.00 -9.39
CA LEU C 109 -19.67 15.30 -8.82
C LEU C 109 -19.35 16.30 -9.93
N PRO C 110 -18.48 15.95 -10.90
CA PRO C 110 -18.08 16.88 -11.96
C PRO C 110 -19.21 17.55 -12.74
N ILE C 111 -20.38 16.92 -12.84
CA ILE C 111 -21.55 17.44 -13.60
C ILE C 111 -22.64 17.89 -12.63
N THR C 112 -22.32 18.07 -11.35
CA THR C 112 -23.27 18.67 -10.36
C THR C 112 -23.43 20.16 -10.67
N PRO C 113 -24.67 20.69 -10.71
CA PRO C 113 -24.89 22.14 -10.84
C PRO C 113 -24.04 22.86 -9.79
N PRO C 114 -23.35 23.96 -10.15
CA PRO C 114 -22.41 24.61 -9.24
C PRO C 114 -23.03 25.14 -7.94
N ALA C 115 -24.33 25.44 -7.94
CA ALA C 115 -25.09 25.91 -6.75
C ALA C 115 -25.07 24.85 -5.65
N GLU C 116 -25.26 23.58 -5.97
CA GLU C 116 -25.47 22.47 -4.99
C GLU C 116 -24.20 21.61 -4.86
N LYS C 117 -23.10 22.01 -5.47
CA LYS C 117 -21.86 21.18 -5.55
C LYS C 117 -21.24 21.06 -4.16
N ASP C 118 -21.21 22.16 -3.41
CA ASP C 118 -20.69 22.23 -2.02
C ASP C 118 -21.47 21.27 -1.12
N ALA C 119 -22.80 21.33 -1.18
CA ALA C 119 -23.71 20.45 -0.42
C ALA C 119 -23.41 18.98 -0.81
N LYS C 120 -23.21 18.72 -2.09
CA LYS C 120 -22.92 17.36 -2.61
C LYS C 120 -21.59 16.87 -2.01
N ILE C 121 -20.58 17.73 -1.97
CA ILE C 121 -19.25 17.34 -1.42
C ILE C 121 -19.38 17.06 0.09
N MET C 122 -20.13 17.90 0.81
CA MET C 122 -20.46 17.71 2.25
C MET C 122 -21.04 16.30 2.44
N LEU C 123 -22.06 16.01 1.64
CA LEU C 123 -22.85 14.76 1.76
C LEU C 123 -21.90 13.56 1.50
N ILE C 124 -21.07 13.64 0.45
CA ILE C 124 -20.13 12.54 0.12
C ILE C 124 -19.20 12.28 1.30
N LYS C 125 -18.63 13.34 1.87
CA LYS C 125 -17.68 13.19 3.01
C LYS C 125 -18.41 12.60 4.21
N ASP C 126 -19.62 13.09 4.47
CA ASP C 126 -20.48 12.60 5.59
C ASP C 126 -20.73 11.09 5.39
N ARG C 127 -21.16 10.69 4.18
CA ARG C 127 -21.47 9.27 3.86
C ARG C 127 -20.19 8.43 3.97
N THR C 128 -19.08 8.99 3.49
CA THR C 128 -17.80 8.26 3.50
C THR C 128 -17.41 7.92 4.94
N THR C 129 -17.39 8.92 5.83
CA THR C 129 -16.83 8.78 7.20
C THR C 129 -17.85 8.15 8.17
N ASN C 130 -19.14 8.36 7.97
CA ASN C 130 -20.21 7.97 8.94
C ASN C 130 -21.01 6.73 8.46
N ARG C 131 -20.97 6.37 7.17
CA ARG C 131 -21.77 5.22 6.65
C ARG C 131 -20.86 4.14 6.04
N TYR C 132 -20.13 4.44 4.97
CA TYR C 132 -19.52 3.39 4.13
C TYR C 132 -18.25 2.85 4.80
N LEU C 133 -17.27 3.71 5.09
CA LEU C 133 -15.94 3.22 5.55
C LEU C 133 -16.10 2.52 6.89
N PRO C 134 -16.91 3.08 7.83
CA PRO C 134 -17.18 2.40 9.10
C PRO C 134 -17.64 0.96 8.86
N ALA C 135 -18.56 0.78 7.90
CA ALA C 135 -19.17 -0.54 7.59
C ALA C 135 -18.08 -1.50 7.11
N PHE C 136 -17.19 -1.07 6.22
CA PHE C 136 -16.14 -1.97 5.68
C PHE C 136 -15.05 -2.21 6.73
N GLU C 137 -14.69 -1.16 7.45
CA GLU C 137 -13.72 -1.30 8.59
C GLU C 137 -14.24 -2.38 9.56
N LYS C 138 -15.55 -2.37 9.87
CA LYS C 138 -16.14 -3.34 10.84
C LYS C 138 -16.02 -4.78 10.27
N VAL C 139 -16.13 -4.96 8.97
CA VAL C 139 -16.02 -6.32 8.37
C VAL C 139 -14.61 -6.86 8.62
N LEU C 140 -13.60 -6.02 8.36
CA LEU C 140 -12.19 -6.44 8.51
C LEU C 140 -11.93 -6.67 10.01
N LYS C 141 -12.41 -5.77 10.86
CA LYS C 141 -12.23 -5.92 12.33
C LYS C 141 -12.85 -7.26 12.79
N SER C 142 -14.01 -7.63 12.28
CA SER C 142 -14.80 -8.77 12.81
C SER C 142 -14.06 -10.09 12.58
N HIS C 143 -13.29 -10.26 11.52
CA HIS C 143 -12.70 -11.59 11.22
C HIS C 143 -11.17 -11.49 11.24
N GLY C 144 -10.62 -10.26 11.24
CA GLY C 144 -9.16 -10.01 11.24
C GLY C 144 -8.41 -10.70 10.10
N GLU C 145 -9.07 -11.08 9.00
CA GLU C 145 -8.41 -11.70 7.82
C GLU C 145 -7.94 -10.63 6.82
N ASP C 146 -7.13 -11.05 5.85
CA ASP C 146 -6.50 -10.14 4.84
C ASP C 146 -7.48 -9.68 3.72
N TYR C 147 -8.61 -10.40 3.53
CA TYR C 147 -9.61 -10.17 2.45
C TYR C 147 -10.99 -10.01 3.08
N LEU C 148 -11.90 -9.29 2.42
CA LEU C 148 -13.23 -9.02 2.99
C LEU C 148 -14.05 -10.32 3.15
N VAL C 149 -13.91 -11.28 2.23
CA VAL C 149 -14.82 -12.47 2.18
C VAL C 149 -14.02 -13.74 1.91
N GLY C 150 -14.32 -14.79 2.67
CA GLY C 150 -13.87 -16.16 2.36
C GLY C 150 -12.39 -16.30 2.62
N ASN C 151 -11.78 -15.32 3.30
CA ASN C 151 -10.32 -15.26 3.53
C ASN C 151 -9.60 -15.49 2.20
N ARG C 152 -10.05 -14.85 1.14
CA ARG C 152 -9.56 -15.11 -0.23
C ARG C 152 -9.85 -13.85 -1.06
N LEU C 153 -9.01 -13.58 -2.06
CA LEU C 153 -9.17 -12.40 -2.95
C LEU C 153 -10.51 -12.57 -3.69
N SER C 154 -11.32 -11.52 -3.67
CA SER C 154 -12.59 -11.41 -4.44
C SER C 154 -12.68 -10.00 -5.04
N ARG C 155 -13.63 -9.83 -5.93
CA ARG C 155 -13.96 -8.52 -6.53
C ARG C 155 -14.30 -7.51 -5.44
N ALA C 156 -14.74 -7.93 -4.25
CA ALA C 156 -15.07 -6.98 -3.15
C ALA C 156 -13.82 -6.17 -2.74
N ASP C 157 -12.69 -6.85 -2.63
CA ASP C 157 -11.38 -6.22 -2.27
C ASP C 157 -10.97 -5.22 -3.35
N ILE C 158 -11.10 -5.63 -4.64
CA ILE C 158 -10.72 -4.82 -5.82
C ILE C 158 -11.60 -3.58 -5.88
N HIS C 159 -12.92 -3.74 -5.75
CA HIS C 159 -13.87 -2.61 -5.90
C HIS C 159 -13.68 -1.66 -4.73
N LEU C 160 -13.59 -2.18 -3.49
CA LEU C 160 -13.36 -1.31 -2.31
C LEU C 160 -12.03 -0.55 -2.46
N VAL C 161 -10.96 -1.23 -2.84
CA VAL C 161 -9.63 -0.54 -2.91
C VAL C 161 -9.63 0.53 -4.02
N GLU C 162 -10.30 0.28 -5.16
CA GLU C 162 -10.52 1.32 -6.18
C GLU C 162 -11.18 2.52 -5.54
N LEU C 163 -12.23 2.29 -4.77
CA LEU C 163 -13.00 3.39 -4.11
C LEU C 163 -12.11 4.10 -3.07
N LEU C 164 -11.27 3.38 -2.35
CA LEU C 164 -10.37 4.04 -1.36
C LEU C 164 -9.42 5.02 -2.05
N TYR C 165 -8.90 4.67 -3.23
CA TYR C 165 -8.06 5.61 -4.03
C TYR C 165 -8.88 6.87 -4.40
N LEU C 166 -10.14 6.71 -4.79
CA LEU C 166 -11.00 7.84 -5.17
C LEU C 166 -11.23 8.73 -3.94
N VAL C 167 -11.53 8.12 -2.81
CA VAL C 167 -11.72 8.86 -1.53
C VAL C 167 -10.44 9.65 -1.21
N GLU C 168 -9.29 8.99 -1.30
CA GLU C 168 -7.98 9.65 -1.04
C GLU C 168 -7.79 10.83 -2.00
N GLU C 169 -8.20 10.68 -3.26
CA GLU C 169 -8.12 11.79 -4.25
C GLU C 169 -9.04 12.93 -3.83
N LEU C 170 -10.22 12.62 -3.29
CA LEU C 170 -11.19 13.67 -2.89
C LEU C 170 -10.60 14.43 -1.69
N ASP C 171 -10.06 13.72 -0.71
CA ASP C 171 -9.53 14.32 0.55
C ASP C 171 -8.83 13.21 1.34
N PRO C 172 -7.48 13.20 1.46
CA PRO C 172 -6.79 12.09 2.13
C PRO C 172 -7.15 11.92 3.61
N SER C 173 -7.59 12.98 4.28
CA SER C 173 -7.92 12.98 5.73
C SER C 173 -9.12 12.05 5.98
N LEU C 174 -9.93 11.76 4.94
CA LEU C 174 -11.10 10.85 5.02
C LEU C 174 -10.68 9.43 5.39
N LEU C 175 -9.47 8.98 5.07
CA LEU C 175 -8.99 7.62 5.46
C LEU C 175 -8.32 7.60 6.86
N THR C 176 -8.12 8.76 7.47
CA THR C 176 -7.36 8.89 8.76
C THR C 176 -7.83 7.85 9.77
N ASN C 177 -9.15 7.77 10.02
CA ASN C 177 -9.66 6.92 11.13
C ASN C 177 -9.88 5.47 10.65
N PHE C 178 -9.33 5.03 9.50
CA PHE C 178 -9.68 3.69 8.97
C PHE C 178 -8.43 2.90 8.68
N PRO C 179 -7.69 2.54 9.73
CA PRO C 179 -6.41 1.90 9.52
C PRO C 179 -6.54 0.56 8.82
N LEU C 180 -7.55 -0.25 9.12
CA LEU C 180 -7.60 -1.61 8.48
C LEU C 180 -7.83 -1.48 6.96
N LEU C 181 -8.45 -0.36 6.52
CA LEU C 181 -8.85 -0.10 5.11
C LEU C 181 -7.60 0.38 4.38
N LYS C 182 -6.85 1.27 5.01
CA LYS C 182 -5.48 1.67 4.54
C LYS C 182 -4.62 0.40 4.38
N ALA C 183 -4.66 -0.50 5.34
CA ALA C 183 -3.84 -1.74 5.26
C ALA C 183 -4.28 -2.56 4.04
N LEU C 184 -5.59 -2.73 3.83
CA LEU C 184 -6.14 -3.50 2.68
C LEU C 184 -5.60 -2.89 1.37
N LYS C 185 -5.75 -1.56 1.24
CA LYS C 185 -5.31 -0.75 0.10
C LYS C 185 -3.85 -1.03 -0.19
N ALA C 186 -3.00 -1.06 0.85
CA ALA C 186 -1.55 -1.33 0.70
C ALA C 186 -1.36 -2.77 0.24
N ARG C 187 -2.06 -3.75 0.84
CA ARG C 187 -1.83 -5.16 0.45
C ARG C 187 -2.34 -5.38 -1.00
N ILE C 188 -3.51 -4.81 -1.34
CA ILE C 188 -4.18 -5.12 -2.64
C ILE C 188 -3.36 -4.48 -3.76
N SER C 189 -2.95 -3.21 -3.56
CA SER C 189 -2.06 -2.44 -4.44
C SER C 189 -0.76 -3.18 -4.76
N ASN C 190 -0.35 -4.14 -3.95
CA ASN C 190 0.93 -4.89 -4.08
C ASN C 190 0.73 -6.30 -4.63
N LEU C 191 -0.49 -6.73 -4.90
CA LEU C 191 -0.70 -7.96 -5.72
C LEU C 191 -0.06 -7.70 -7.08
N PRO C 192 0.72 -8.66 -7.63
CA PRO C 192 1.46 -8.43 -8.90
C PRO C 192 0.62 -7.79 -10.02
N THR C 193 -0.58 -8.30 -10.25
CA THR C 193 -1.45 -7.84 -11.38
C THR C 193 -1.92 -6.40 -11.09
N VAL C 194 -2.30 -6.11 -9.85
CA VAL C 194 -2.87 -4.77 -9.54
C VAL C 194 -1.71 -3.77 -9.61
N LYS C 195 -0.51 -4.21 -9.20
CA LYS C 195 0.69 -3.36 -9.12
C LYS C 195 0.97 -2.88 -10.54
N LYS C 196 1.09 -3.78 -11.49
CA LYS C 196 1.35 -3.39 -12.91
C LYS C 196 0.27 -2.42 -13.37
N PHE C 197 -1.01 -2.69 -13.05
CA PHE C 197 -2.15 -1.84 -13.44
C PHE C 197 -1.97 -0.42 -12.89
N LEU C 198 -1.42 -0.26 -11.68
CA LEU C 198 -1.28 1.05 -11.01
C LEU C 198 0.05 1.72 -11.38
N GLN C 199 1.05 0.95 -11.76
CA GLN C 199 2.38 1.54 -12.11
C GLN C 199 2.31 2.29 -13.44
N PRO C 200 3.32 3.14 -13.73
CA PRO C 200 3.40 3.83 -15.02
C PRO C 200 3.23 2.88 -16.20
N GLY C 201 2.35 3.26 -17.13
CA GLY C 201 2.09 2.51 -18.36
C GLY C 201 1.03 1.43 -18.17
N GLY C 202 0.47 1.29 -16.96
CA GLY C 202 -0.74 0.45 -16.77
C GLY C 202 -1.98 1.13 -17.33
N ALA C 203 -3.04 0.37 -17.48
CA ALA C 203 -4.32 0.74 -18.13
C ALA C 203 -5.14 1.69 -17.23
N ARG C 204 -4.77 1.90 -15.97
CA ARG C 204 -5.59 2.74 -15.08
C ARG C 204 -5.72 4.14 -15.69
N LYS C 205 -6.88 4.75 -15.62
CA LYS C 205 -7.12 6.07 -16.25
C LYS C 205 -6.92 7.16 -15.20
N PRO C 206 -6.45 8.34 -15.63
CA PRO C 206 -6.30 9.49 -14.73
C PRO C 206 -7.65 10.12 -14.43
N PRO C 207 -7.73 10.99 -13.39
CA PRO C 207 -8.93 11.77 -13.14
C PRO C 207 -9.15 12.66 -14.35
N GLY C 208 -10.40 13.08 -14.60
CA GLY C 208 -10.72 13.97 -15.72
C GLY C 208 -10.41 15.42 -15.36
N ASP C 209 -10.46 16.30 -16.36
CA ASP C 209 -10.34 17.77 -16.17
C ASP C 209 -11.56 18.43 -16.81
N GLU C 210 -11.67 19.74 -16.68
CA GLU C 210 -12.80 20.58 -17.20
C GLU C 210 -13.05 20.27 -18.67
N LYS C 211 -11.99 19.94 -19.39
CA LYS C 211 -11.98 19.80 -20.88
C LYS C 211 -12.29 18.35 -21.26
N SER C 212 -11.94 17.37 -20.43
CA SER C 212 -12.33 15.94 -20.67
C SER C 212 -13.83 15.79 -20.35
N VAL C 213 -14.33 16.51 -19.34
CA VAL C 213 -15.77 16.55 -18.95
C VAL C 213 -16.59 17.14 -20.10
N GLU C 214 -16.13 18.26 -20.65
CA GLU C 214 -16.78 18.96 -21.80
C GLU C 214 -16.83 18.05 -23.03
N LYS C 215 -15.72 17.37 -23.34
CA LYS C 215 -15.61 16.47 -24.49
C LYS C 215 -16.61 15.31 -24.34
N SER C 216 -16.69 14.67 -23.15
CA SER C 216 -17.58 13.51 -22.87
C SER C 216 -19.05 13.94 -22.92
N ARG C 217 -19.34 15.16 -22.47
CA ARG C 217 -20.71 15.73 -22.39
C ARG C 217 -21.28 15.94 -23.80
N LYS C 218 -20.47 16.37 -24.76
CA LYS C 218 -20.91 16.62 -26.15
C LYS C 218 -20.97 15.31 -26.95
N ILE C 219 -20.40 14.22 -26.45
CA ILE C 219 -20.47 12.86 -27.09
C ILE C 219 -21.67 12.08 -26.51
N PHE C 220 -21.93 12.16 -25.20
CA PHE C 220 -22.93 11.31 -24.49
C PHE C 220 -24.17 12.12 -24.04
N LYS C 221 -24.09 13.46 -24.04
CA LYS C 221 -25.23 14.41 -23.83
C LYS C 221 -25.65 14.43 -22.36
N PHE C 222 -24.82 15.01 -21.50
CA PHE C 222 -25.07 15.18 -20.03
C PHE C 222 -24.22 16.34 -19.52
N VAL D 3 -37.56 -21.69 7.79
CA VAL D 3 -38.17 -20.39 8.20
C VAL D 3 -38.45 -19.53 6.94
N LYS D 4 -39.59 -18.85 6.90
CA LYS D 4 -39.93 -17.89 5.83
C LYS D 4 -39.01 -16.69 5.92
N PRO D 5 -38.52 -16.15 4.78
CA PRO D 5 -37.86 -14.85 4.78
C PRO D 5 -38.77 -13.78 5.35
N MET D 6 -38.15 -12.79 5.95
CA MET D 6 -38.80 -11.61 6.55
C MET D 6 -38.28 -10.37 5.83
N LEU D 7 -39.21 -9.55 5.35
CA LEU D 7 -38.91 -8.38 4.48
C LEU D 7 -39.19 -7.12 5.29
N HIS D 8 -38.20 -6.27 5.44
CA HIS D 8 -38.32 -4.99 6.18
C HIS D 8 -38.35 -3.86 5.18
N TYR D 9 -39.45 -3.15 5.10
CA TYR D 9 -39.61 -1.97 4.23
C TYR D 9 -40.84 -1.16 4.63
N PHE D 10 -41.00 0.03 4.07
CA PHE D 10 -42.29 0.77 4.07
C PHE D 10 -43.36 -0.15 3.47
N ASN D 11 -44.61 0.05 3.88
CA ASN D 11 -45.80 -0.63 3.34
C ASN D 11 -46.16 0.03 2.02
N GLY D 12 -45.44 -0.34 0.97
CA GLY D 12 -45.46 0.28 -0.35
C GLY D 12 -44.46 -0.42 -1.27
N ARG D 13 -44.43 -0.03 -2.53
CA ARG D 13 -43.63 -0.73 -3.56
C ARG D 13 -42.13 -0.42 -3.34
N GLY D 14 -41.74 0.80 -3.64
CA GLY D 14 -40.34 1.26 -3.63
C GLY D 14 -39.39 0.16 -4.09
N ARG D 15 -38.26 0.03 -3.37
CA ARG D 15 -37.12 -0.83 -3.83
C ARG D 15 -37.40 -2.29 -3.44
N MET D 16 -38.36 -2.54 -2.56
CA MET D 16 -38.68 -3.91 -2.09
C MET D 16 -39.61 -4.64 -3.09
N GLU D 17 -40.37 -3.93 -3.89
CA GLU D 17 -41.38 -4.57 -4.80
C GLU D 17 -40.80 -5.66 -5.70
N PRO D 18 -39.62 -5.50 -6.35
CA PRO D 18 -39.04 -6.57 -7.16
C PRO D 18 -38.62 -7.84 -6.41
N ILE D 19 -38.29 -7.71 -5.14
CA ILE D 19 -38.02 -8.86 -4.23
C ILE D 19 -39.34 -9.61 -3.95
N ARG D 20 -40.42 -8.87 -3.72
CA ARG D 20 -41.76 -9.48 -3.47
C ARG D 20 -42.15 -10.32 -4.70
N TRP D 21 -42.01 -9.72 -5.88
CA TRP D 21 -42.31 -10.38 -7.18
C TRP D 21 -41.48 -11.66 -7.33
N LEU D 22 -40.20 -11.59 -7.03
CA LEU D 22 -39.28 -12.70 -7.36
C LEU D 22 -39.53 -13.84 -6.37
N LEU D 23 -39.58 -13.52 -5.07
CA LEU D 23 -39.92 -14.54 -4.05
C LEU D 23 -41.26 -15.16 -4.40
N ALA D 24 -42.28 -14.33 -4.63
CA ALA D 24 -43.63 -14.81 -5.00
C ALA D 24 -43.54 -15.73 -6.24
N ALA D 25 -42.83 -15.31 -7.29
CA ALA D 25 -42.74 -16.09 -8.53
C ALA D 25 -42.09 -17.44 -8.23
N ALA D 26 -41.14 -17.50 -7.27
CA ALA D 26 -40.39 -18.72 -6.94
C ALA D 26 -41.28 -19.60 -6.07
N GLY D 27 -42.45 -19.09 -5.66
CA GLY D 27 -43.37 -19.85 -4.79
C GLY D 27 -42.89 -19.88 -3.35
N VAL D 28 -42.15 -18.87 -2.91
CA VAL D 28 -41.63 -18.75 -1.52
C VAL D 28 -42.57 -17.88 -0.70
N GLU D 29 -43.21 -18.46 0.30
CA GLU D 29 -43.98 -17.75 1.35
C GLU D 29 -43.02 -16.86 2.13
N PHE D 30 -43.41 -15.61 2.34
CA PHE D 30 -42.58 -14.65 3.11
C PHE D 30 -43.45 -13.85 4.07
N GLU D 31 -42.82 -13.17 5.01
CA GLU D 31 -43.49 -12.25 5.96
C GLU D 31 -42.89 -10.86 5.78
N GLU D 32 -43.61 -9.84 6.22
CA GLU D 32 -43.19 -8.43 6.09
C GLU D 32 -43.42 -7.75 7.45
N THR D 33 -42.43 -7.00 7.88
CA THR D 33 -42.48 -6.05 8.99
C THR D 33 -42.46 -4.65 8.38
N PHE D 34 -43.55 -3.95 8.37
CA PHE D 34 -43.66 -2.61 7.80
C PHE D 34 -43.03 -1.60 8.74
N ILE D 35 -42.38 -0.63 8.13
CA ILE D 35 -41.79 0.59 8.74
C ILE D 35 -42.86 1.66 8.60
N ASP D 36 -43.67 1.87 9.63
CA ASP D 36 -44.81 2.83 9.58
C ASP D 36 -44.39 4.19 10.15
N THR D 37 -43.37 4.24 11.02
CA THR D 37 -42.93 5.43 11.79
C THR D 37 -41.40 5.64 11.75
N PRO D 38 -40.92 6.91 11.90
CA PRO D 38 -39.48 7.16 12.07
C PRO D 38 -38.83 6.21 13.08
N GLU D 39 -39.56 5.90 14.14
CA GLU D 39 -39.06 5.09 15.27
C GLU D 39 -38.94 3.62 14.82
N ASP D 40 -39.74 3.18 13.86
CA ASP D 40 -39.62 1.78 13.37
C ASP D 40 -38.25 1.62 12.67
N PHE D 41 -37.85 2.68 11.97
CA PHE D 41 -36.62 2.72 11.13
C PHE D 41 -35.41 2.81 12.07
N GLU D 42 -35.50 3.77 12.99
CA GLU D 42 -34.49 4.01 14.05
C GLU D 42 -34.18 2.70 14.77
N LYS D 43 -35.20 1.89 15.05
CA LYS D 43 -35.03 0.61 15.77
C LYS D 43 -34.11 -0.33 14.98
N LEU D 44 -34.28 -0.42 13.64
CA LEU D 44 -33.47 -1.35 12.80
C LEU D 44 -31.99 -0.91 12.80
N LYS D 45 -31.77 0.39 12.61
CA LYS D 45 -30.44 1.03 12.65
C LYS D 45 -29.75 0.75 14.00
N ASN D 46 -30.45 1.02 15.11
CA ASN D 46 -29.91 0.84 16.48
C ASN D 46 -29.71 -0.66 16.74
N ASP D 47 -30.46 -1.56 16.12
CA ASP D 47 -30.28 -3.03 16.26
C ASP D 47 -28.95 -3.48 15.63
N GLY D 48 -28.31 -2.63 14.80
CA GLY D 48 -27.19 -3.02 13.90
C GLY D 48 -27.59 -3.94 12.74
N SER D 49 -28.85 -3.96 12.33
CA SER D 49 -29.43 -4.94 11.35
C SER D 49 -29.09 -4.56 9.90
N LEU D 50 -28.85 -3.25 9.69
CA LEU D 50 -28.68 -2.55 8.41
C LEU D 50 -27.20 -2.17 8.18
N MET D 51 -26.49 -2.94 7.38
CA MET D 51 -25.05 -2.68 7.11
C MET D 51 -24.79 -1.22 6.71
N PHE D 52 -25.65 -0.59 5.94
CA PHE D 52 -25.39 0.80 5.46
C PHE D 52 -26.53 1.70 5.95
N GLN D 53 -27.22 1.33 7.06
CA GLN D 53 -28.26 2.18 7.71
C GLN D 53 -29.44 2.37 6.76
N GLN D 54 -29.64 1.42 5.82
CA GLN D 54 -30.70 1.50 4.79
C GLN D 54 -31.50 0.19 4.72
N VAL D 55 -32.73 0.33 4.24
CA VAL D 55 -33.55 -0.82 3.76
C VAL D 55 -33.62 -0.65 2.24
N PRO D 56 -34.07 -1.64 1.44
CA PRO D 56 -34.50 -2.96 1.90
C PRO D 56 -33.54 -3.75 2.78
N MET D 57 -34.11 -4.51 3.72
CA MET D 57 -33.38 -5.59 4.40
C MET D 57 -34.23 -6.85 4.36
N VAL D 58 -33.61 -8.00 4.17
CA VAL D 58 -34.36 -9.28 4.17
C VAL D 58 -33.62 -10.26 5.02
N GLU D 59 -34.27 -10.80 6.06
CA GLU D 59 -33.67 -11.88 6.89
C GLU D 59 -33.96 -13.17 6.15
N ILE D 60 -32.93 -13.84 5.70
CA ILE D 60 -33.12 -15.12 4.97
C ILE D 60 -31.90 -15.97 5.25
N ASP D 61 -32.13 -17.25 5.59
CA ASP D 61 -31.08 -18.29 5.75
C ASP D 61 -29.98 -17.78 6.71
N GLY D 62 -30.39 -17.13 7.79
CA GLY D 62 -29.48 -16.70 8.85
C GLY D 62 -28.77 -15.41 8.48
N MET D 63 -29.08 -14.75 7.36
CA MET D 63 -28.40 -13.46 7.05
C MET D 63 -29.41 -12.32 7.17
N LYS D 64 -28.92 -11.13 7.52
CA LYS D 64 -29.66 -9.86 7.38
C LYS D 64 -29.10 -9.19 6.12
N LEU D 65 -29.66 -9.51 4.94
CA LEU D 65 -29.10 -9.06 3.65
C LEU D 65 -29.66 -7.66 3.39
N VAL D 66 -28.79 -6.68 3.17
CA VAL D 66 -29.24 -5.39 2.59
C VAL D 66 -28.69 -5.33 1.15
N GLN D 67 -29.07 -4.25 0.44
CA GLN D 67 -28.80 -4.00 -1.00
C GLN D 67 -29.77 -4.86 -1.85
N SER D 68 -30.73 -4.20 -2.49
N SER D 68 -30.72 -4.19 -2.47
CA SER D 68 -31.74 -4.91 -3.34
CA SER D 68 -31.71 -4.82 -3.39
C SER D 68 -31.06 -5.90 -4.29
C SER D 68 -31.03 -5.88 -4.27
N ARG D 69 -29.97 -5.52 -4.97
CA ARG D 69 -29.34 -6.42 -5.97
C ARG D 69 -28.75 -7.68 -5.33
N ALA D 70 -28.17 -7.54 -4.13
CA ALA D 70 -27.56 -8.65 -3.40
C ALA D 70 -28.66 -9.66 -3.04
N ILE D 71 -29.77 -9.14 -2.54
CA ILE D 71 -30.94 -9.97 -2.13
C ILE D 71 -31.48 -10.70 -3.36
N LEU D 72 -31.68 -9.99 -4.48
CA LEU D 72 -32.28 -10.58 -5.71
C LEU D 72 -31.35 -11.65 -6.29
N ASN D 73 -30.05 -11.35 -6.35
CA ASN D 73 -29.05 -12.29 -6.91
C ASN D 73 -29.09 -13.61 -6.11
N TYR D 74 -29.19 -13.49 -4.79
CA TYR D 74 -29.21 -14.63 -3.85
C TYR D 74 -30.51 -15.44 -4.08
N VAL D 75 -31.64 -14.76 -4.04
CA VAL D 75 -32.96 -15.44 -4.23
C VAL D 75 -32.96 -16.12 -5.59
N ALA D 76 -32.54 -15.43 -6.64
CA ALA D 76 -32.58 -15.97 -8.01
C ALA D 76 -31.70 -17.22 -8.10
N ALA D 77 -30.51 -17.19 -7.51
CA ALA D 77 -29.56 -18.32 -7.60
C ALA D 77 -30.14 -19.49 -6.79
N LYS D 78 -30.62 -19.21 -5.58
CA LYS D 78 -31.15 -20.29 -4.70
C LYS D 78 -32.29 -21.04 -5.39
N HIS D 79 -33.19 -20.34 -6.07
CA HIS D 79 -34.45 -20.92 -6.63
C HIS D 79 -34.36 -21.18 -8.14
N ASN D 80 -33.14 -21.31 -8.68
CA ASN D 80 -32.85 -21.74 -10.07
C ASN D 80 -33.52 -20.80 -11.07
N LEU D 81 -33.49 -19.49 -10.85
CA LEU D 81 -34.07 -18.45 -11.74
C LEU D 81 -32.96 -17.57 -12.30
N TYR D 82 -31.72 -18.02 -12.29
CA TYR D 82 -30.55 -17.23 -12.71
C TYR D 82 -29.80 -17.96 -13.84
N GLY D 83 -30.50 -18.73 -14.67
CA GLY D 83 -29.90 -19.40 -15.84
C GLY D 83 -29.13 -20.65 -15.44
N LYS D 84 -28.58 -21.37 -16.41
CA LYS D 84 -27.93 -22.69 -16.20
C LYS D 84 -26.42 -22.50 -16.16
N ASP D 85 -25.87 -21.45 -16.78
CA ASP D 85 -24.38 -21.23 -16.93
C ASP D 85 -24.07 -19.71 -16.97
N ILE D 86 -22.78 -19.34 -16.94
CA ILE D 86 -22.40 -17.91 -16.75
C ILE D 86 -22.72 -17.11 -18.00
N LYS D 87 -22.78 -17.79 -19.15
CA LYS D 87 -23.24 -17.16 -20.42
C LYS D 87 -24.72 -16.77 -20.30
N GLU D 88 -25.58 -17.66 -19.82
CA GLU D 88 -27.02 -17.32 -19.62
C GLU D 88 -27.18 -16.20 -18.59
N ARG D 89 -26.38 -16.24 -17.52
N ARG D 89 -26.37 -16.23 -17.52
CA ARG D 89 -26.39 -15.19 -16.46
CA ARG D 89 -26.40 -15.21 -16.44
C ARG D 89 -26.03 -13.86 -17.09
C ARG D 89 -26.01 -13.86 -17.06
N ALA D 90 -25.04 -13.85 -17.99
CA ALA D 90 -24.57 -12.61 -18.66
C ALA D 90 -25.73 -11.97 -19.45
N LEU D 91 -26.47 -12.80 -20.18
CA LEU D 91 -27.68 -12.29 -20.89
C LEU D 91 -28.71 -11.79 -19.84
N ILE D 92 -29.01 -12.62 -18.86
CA ILE D 92 -30.03 -12.27 -17.81
C ILE D 92 -29.60 -10.94 -17.20
N ASP D 93 -28.32 -10.82 -16.84
CA ASP D 93 -27.82 -9.64 -16.10
C ASP D 93 -27.93 -8.38 -16.99
N MET D 94 -27.56 -8.53 -18.26
CA MET D 94 -27.62 -7.45 -19.23
C MET D 94 -29.08 -7.00 -19.39
N TYR D 95 -29.99 -7.93 -19.52
CA TYR D 95 -31.46 -7.63 -19.67
C TYR D 95 -31.98 -6.92 -18.41
N ILE D 96 -31.72 -7.46 -17.24
CA ILE D 96 -32.39 -6.92 -16.03
C ILE D 96 -31.75 -5.59 -15.61
N GLU D 97 -30.50 -5.32 -16.02
CA GLU D 97 -29.84 -4.01 -15.73
C GLU D 97 -30.48 -2.91 -16.60
N GLY D 98 -30.95 -3.27 -17.80
CA GLY D 98 -31.78 -2.40 -18.62
C GLY D 98 -33.11 -2.16 -17.94
N VAL D 99 -33.73 -3.25 -17.51
CA VAL D 99 -35.01 -3.13 -16.74
C VAL D 99 -34.76 -2.16 -15.58
N ALA D 100 -33.63 -2.31 -14.88
CA ALA D 100 -33.34 -1.56 -13.65
C ALA D 100 -33.29 -0.07 -13.95
N ASP D 101 -32.69 0.30 -15.06
CA ASP D 101 -32.48 1.74 -15.40
C ASP D 101 -33.86 2.37 -15.69
N LEU D 102 -34.75 1.69 -16.43
CA LEU D 102 -36.08 2.28 -16.73
C LEU D 102 -36.89 2.28 -15.44
N ASN D 103 -36.80 1.21 -14.67
CA ASN D 103 -37.48 1.14 -13.33
C ASN D 103 -37.11 2.32 -12.46
N GLU D 104 -35.83 2.67 -12.40
CA GLU D 104 -35.32 3.72 -11.49
C GLU D 104 -35.96 5.08 -11.88
N MET D 105 -36.17 5.31 -13.17
CA MET D 105 -36.76 6.57 -13.68
C MET D 105 -38.21 6.66 -13.17
N ILE D 106 -38.94 5.54 -13.27
CA ILE D 106 -40.37 5.42 -12.83
C ILE D 106 -40.41 5.51 -11.29
N LEU D 107 -39.52 4.80 -10.61
CA LEU D 107 -39.45 4.78 -9.12
C LEU D 107 -39.33 6.19 -8.54
N LEU D 108 -38.62 7.08 -9.21
CA LEU D 108 -38.31 8.43 -8.65
C LEU D 108 -39.30 9.48 -9.17
N LEU D 109 -40.23 9.12 -10.06
CA LEU D 109 -41.25 10.06 -10.62
C LEU D 109 -41.99 10.77 -9.48
N PRO D 110 -42.55 10.03 -8.50
CA PRO D 110 -43.30 10.62 -7.40
C PRO D 110 -42.63 11.78 -6.66
N ILE D 111 -41.31 11.76 -6.57
CA ILE D 111 -40.50 12.76 -5.79
C ILE D 111 -39.75 13.65 -6.77
N THR D 112 -40.10 13.67 -8.05
CA THR D 112 -39.58 14.65 -9.04
C THR D 112 -40.22 16.01 -8.71
N PRO D 113 -39.44 17.12 -8.67
CA PRO D 113 -40.01 18.47 -8.62
C PRO D 113 -41.12 18.61 -9.66
N PRO D 114 -42.28 19.18 -9.28
CA PRO D 114 -43.47 19.13 -10.14
C PRO D 114 -43.30 19.87 -11.48
N ALA D 115 -42.39 20.85 -11.55
CA ALA D 115 -42.03 21.59 -12.78
C ALA D 115 -41.56 20.61 -13.87
N GLU D 116 -40.57 19.78 -13.51
CA GLU D 116 -39.80 18.94 -14.48
C GLU D 116 -40.39 17.53 -14.57
N LYS D 117 -41.54 17.29 -13.93
CA LYS D 117 -42.15 15.94 -13.85
C LYS D 117 -42.68 15.56 -15.24
N ASP D 118 -43.31 16.50 -15.95
CA ASP D 118 -43.88 16.22 -17.28
C ASP D 118 -42.74 15.94 -18.27
N ALA D 119 -41.63 16.69 -18.21
CA ALA D 119 -40.43 16.45 -19.03
C ALA D 119 -39.91 15.03 -18.73
N LYS D 120 -39.90 14.65 -17.45
CA LYS D 120 -39.40 13.32 -17.00
C LYS D 120 -40.30 12.23 -17.59
N ILE D 121 -41.62 12.45 -17.57
CA ILE D 121 -42.59 11.46 -18.14
C ILE D 121 -42.35 11.34 -19.64
N MET D 122 -42.13 12.45 -20.35
CA MET D 122 -41.82 12.45 -21.81
C MET D 122 -40.58 11.60 -22.05
N LEU D 123 -39.52 11.83 -21.26
CA LEU D 123 -38.25 11.09 -21.41
C LEU D 123 -38.49 9.60 -21.16
N ILE D 124 -39.24 9.24 -20.12
CA ILE D 124 -39.54 7.82 -19.79
C ILE D 124 -40.27 7.18 -20.97
N LYS D 125 -41.27 7.86 -21.54
CA LYS D 125 -42.03 7.32 -22.69
C LYS D 125 -41.11 7.16 -23.89
N ASP D 126 -40.25 8.14 -24.13
CA ASP D 126 -39.28 8.11 -25.24
C ASP D 126 -38.36 6.88 -25.05
N ARG D 127 -37.79 6.72 -23.88
CA ARG D 127 -36.88 5.58 -23.54
C ARG D 127 -37.63 4.26 -23.62
N THR D 128 -38.88 4.25 -23.15
CA THR D 128 -39.71 3.03 -23.15
C THR D 128 -39.88 2.55 -24.58
N THR D 129 -40.35 3.42 -25.47
CA THR D 129 -40.80 3.02 -26.85
C THR D 129 -39.61 2.93 -27.81
N ASN D 130 -38.54 3.70 -27.60
CA ASN D 130 -37.40 3.85 -28.55
C ASN D 130 -36.14 3.09 -28.09
N ARG D 131 -36.01 2.75 -26.80
CA ARG D 131 -34.79 2.06 -26.27
C ARG D 131 -35.15 0.71 -25.66
N TYR D 132 -35.95 0.66 -24.58
CA TYR D 132 -36.03 -0.57 -23.74
C TYR D 132 -36.91 -1.60 -24.42
N LEU D 133 -38.17 -1.27 -24.70
CA LEU D 133 -39.14 -2.31 -25.14
C LEU D 133 -38.71 -2.87 -26.48
N PRO D 134 -38.22 -2.02 -27.42
CA PRO D 134 -37.69 -2.52 -28.70
C PRO D 134 -36.68 -3.62 -28.46
N ALA D 135 -35.75 -3.37 -27.52
CA ALA D 135 -34.63 -4.28 -27.24
C ALA D 135 -35.17 -5.63 -26.74
N PHE D 136 -36.14 -5.61 -25.82
CA PHE D 136 -36.69 -6.89 -25.28
C PHE D 136 -37.57 -7.57 -26.35
N GLU D 137 -38.38 -6.80 -27.06
CA GLU D 137 -39.17 -7.36 -28.20
C GLU D 137 -38.25 -8.09 -29.18
N LYS D 138 -37.07 -7.52 -29.49
CA LYS D 138 -36.13 -8.13 -30.47
C LYS D 138 -35.62 -9.46 -29.92
N VAL D 139 -35.43 -9.59 -28.61
CA VAL D 139 -34.91 -10.86 -28.01
C VAL D 139 -35.95 -11.96 -28.24
N LEU D 140 -37.21 -11.63 -27.98
CA LEU D 140 -38.30 -12.63 -28.12
C LEU D 140 -38.47 -12.95 -29.62
N LYS D 141 -38.45 -11.92 -30.47
CA LYS D 141 -38.52 -12.11 -31.95
C LYS D 141 -37.40 -13.05 -32.41
N SER D 142 -36.19 -12.90 -31.88
CA SER D 142 -34.98 -13.55 -32.45
C SER D 142 -35.05 -15.06 -32.23
N HIS D 143 -35.65 -15.56 -31.15
CA HIS D 143 -35.60 -17.00 -30.86
C HIS D 143 -37.02 -17.59 -30.87
N GLY D 144 -38.05 -16.74 -30.86
CA GLY D 144 -39.48 -17.13 -30.83
C GLY D 144 -39.84 -18.07 -29.67
N GLU D 145 -39.07 -18.10 -28.59
CA GLU D 145 -39.38 -18.96 -27.42
C GLU D 145 -40.28 -18.18 -26.41
N ASP D 146 -40.83 -18.90 -25.45
CA ASP D 146 -41.78 -18.35 -24.43
C ASP D 146 -41.07 -17.51 -23.33
N TYR D 147 -39.74 -17.67 -23.14
CA TYR D 147 -38.94 -17.02 -22.08
C TYR D 147 -37.77 -16.27 -22.71
N LEU D 148 -37.29 -15.21 -22.08
CA LEU D 148 -36.20 -14.37 -22.64
C LEU D 148 -34.91 -15.19 -22.82
N VAL D 149 -34.60 -16.13 -21.90
CA VAL D 149 -33.26 -16.79 -21.87
C VAL D 149 -33.42 -18.30 -21.64
N GLY D 150 -32.70 -19.11 -22.40
CA GLY D 150 -32.50 -20.53 -22.09
C GLY D 150 -33.76 -21.33 -22.35
N ASN D 151 -34.75 -20.74 -23.02
CA ASN D 151 -36.10 -21.33 -23.20
C ASN D 151 -36.63 -21.84 -21.85
N ARG D 152 -36.48 -21.04 -20.82
CA ARG D 152 -36.78 -21.48 -19.44
C ARG D 152 -37.07 -20.21 -18.61
N LEU D 153 -37.95 -20.34 -17.62
CA LEU D 153 -38.32 -19.22 -16.73
C LEU D 153 -37.07 -18.78 -15.99
N SER D 154 -36.81 -17.48 -16.02
CA SER D 154 -35.69 -16.83 -15.28
C SER D 154 -36.23 -15.54 -14.66
N ARG D 155 -35.45 -14.97 -13.76
CA ARG D 155 -35.74 -13.67 -13.13
C ARG D 155 -35.92 -12.60 -14.20
N ALA D 156 -35.35 -12.76 -15.40
CA ALA D 156 -35.46 -11.74 -16.48
C ALA D 156 -36.93 -11.56 -16.88
N ASP D 157 -37.66 -12.69 -17.00
CA ASP D 157 -39.10 -12.68 -17.35
C ASP D 157 -39.90 -11.97 -16.24
N ILE D 158 -39.59 -12.29 -14.98
CA ILE D 158 -40.29 -11.75 -13.77
C ILE D 158 -40.04 -10.23 -13.68
N HIS D 159 -38.80 -9.81 -13.82
CA HIS D 159 -38.44 -8.39 -13.64
C HIS D 159 -39.04 -7.60 -14.80
N LEU D 160 -38.90 -8.09 -16.05
CA LEU D 160 -39.48 -7.40 -17.22
C LEU D 160 -41.00 -7.30 -17.07
N VAL D 161 -41.67 -8.39 -16.71
CA VAL D 161 -43.18 -8.36 -16.63
C VAL D 161 -43.64 -7.39 -15.52
N GLU D 162 -42.94 -7.33 -14.39
CA GLU D 162 -43.20 -6.31 -13.35
C GLU D 162 -43.12 -4.91 -13.99
N LEU D 163 -42.09 -4.64 -14.78
CA LEU D 163 -41.87 -3.31 -15.38
C LEU D 163 -42.97 -3.07 -16.45
N LEU D 164 -43.41 -4.10 -17.18
CA LEU D 164 -44.49 -3.90 -18.19
C LEU D 164 -45.78 -3.45 -17.48
N TYR D 165 -46.11 -3.99 -16.30
CA TYR D 165 -47.27 -3.52 -15.50
C TYR D 165 -47.10 -2.04 -15.13
N LEU D 166 -45.90 -1.63 -14.73
CA LEU D 166 -45.66 -0.22 -14.36
C LEU D 166 -45.85 0.67 -15.60
N VAL D 167 -45.29 0.27 -16.74
CA VAL D 167 -45.43 0.98 -18.03
C VAL D 167 -46.94 1.12 -18.35
N GLU D 168 -47.68 0.03 -18.26
CA GLU D 168 -49.14 0.04 -18.50
C GLU D 168 -49.84 1.01 -17.55
N GLU D 169 -49.40 1.07 -16.30
CA GLU D 169 -49.97 2.03 -15.31
C GLU D 169 -49.67 3.46 -15.78
N LEU D 170 -48.47 3.70 -16.32
CA LEU D 170 -48.09 5.06 -16.75
C LEU D 170 -48.94 5.47 -17.96
N ASP D 171 -49.11 4.58 -18.92
CA ASP D 171 -49.88 4.84 -20.17
C ASP D 171 -50.01 3.52 -20.92
N PRO D 172 -51.21 2.89 -21.02
CA PRO D 172 -51.33 1.58 -21.68
C PRO D 172 -50.92 1.56 -23.15
N SER D 173 -51.01 2.70 -23.83
CA SER D 173 -50.72 2.81 -25.29
C SER D 173 -49.24 2.51 -25.55
N LEU D 174 -48.38 2.64 -24.53
CA LEU D 174 -46.92 2.39 -24.62
C LEU D 174 -46.65 0.92 -24.98
N LEU D 175 -47.54 -0.02 -24.62
CA LEU D 175 -47.33 -1.45 -25.00
C LEU D 175 -47.91 -1.78 -26.41
N THR D 176 -48.63 -0.87 -27.03
CA THR D 176 -49.38 -1.12 -28.28
C THR D 176 -48.49 -1.79 -29.32
N ASN D 177 -47.29 -1.24 -29.57
CA ASN D 177 -46.43 -1.75 -30.66
C ASN D 177 -45.59 -2.95 -30.21
N PHE D 178 -45.87 -3.60 -29.07
CA PHE D 178 -44.97 -4.64 -28.54
C PHE D 178 -45.76 -5.90 -28.25
N PRO D 179 -46.26 -6.55 -29.30
CA PRO D 179 -47.16 -7.67 -29.10
C PRO D 179 -46.47 -8.84 -28.40
N LEU D 180 -45.20 -9.12 -28.67
CA LEU D 180 -44.55 -10.31 -28.04
C LEU D 180 -44.40 -10.07 -26.51
N LEU D 181 -44.34 -8.80 -26.08
CA LEU D 181 -44.09 -8.38 -24.68
C LEU D 181 -45.41 -8.48 -23.94
N LYS D 182 -46.50 -8.03 -24.59
CA LYS D 182 -47.88 -8.25 -24.09
C LYS D 182 -48.08 -9.76 -23.94
N ALA D 183 -47.67 -10.57 -24.90
CA ALA D 183 -47.88 -12.03 -24.79
C ALA D 183 -47.10 -12.56 -23.58
N LEU D 184 -45.85 -12.14 -23.37
CA LEU D 184 -45.02 -12.57 -22.21
C LEU D 184 -45.75 -12.22 -20.90
N LYS D 185 -46.20 -10.98 -20.78
CA LYS D 185 -46.97 -10.42 -19.65
C LYS D 185 -48.16 -11.31 -19.36
N ALA D 186 -48.90 -11.72 -20.39
CA ALA D 186 -50.09 -12.57 -20.25
C ALA D 186 -49.64 -13.95 -19.78
N ARG D 187 -48.61 -14.53 -20.37
CA ARG D 187 -48.18 -15.91 -19.97
C ARG D 187 -47.61 -15.88 -18.54
N ILE D 188 -46.83 -14.84 -18.19
CA ILE D 188 -46.10 -14.82 -16.89
C ILE D 188 -47.13 -14.61 -15.76
N SER D 189 -48.05 -13.65 -15.96
CA SER D 189 -49.22 -13.37 -15.12
C SER D 189 -50.05 -14.62 -14.82
N ASN D 190 -49.99 -15.65 -15.66
CA ASN D 190 -50.81 -16.89 -15.53
C ASN D 190 -50.00 -18.08 -15.00
N LEU D 191 -48.71 -17.92 -14.69
CA LEU D 191 -48.02 -18.89 -13.81
C LEU D 191 -48.74 -18.95 -12.48
N PRO D 192 -49.01 -20.17 -11.93
CA PRO D 192 -49.75 -20.29 -10.67
C PRO D 192 -49.24 -19.38 -9.53
N THR D 193 -47.92 -19.31 -9.33
CA THR D 193 -47.33 -18.49 -8.24
C THR D 193 -47.56 -17.00 -8.51
N VAL D 194 -47.38 -16.56 -9.73
CA VAL D 194 -47.49 -15.09 -10.04
C VAL D 194 -48.96 -14.71 -9.94
N LYS D 195 -49.83 -15.65 -10.31
CA LYS D 195 -51.29 -15.41 -10.35
C LYS D 195 -51.74 -15.09 -8.93
N LYS D 196 -51.43 -15.96 -7.99
CA LYS D 196 -51.78 -15.73 -6.57
C LYS D 196 -51.24 -14.38 -6.12
N PHE D 197 -49.99 -14.06 -6.46
CA PHE D 197 -49.31 -12.80 -6.09
C PHE D 197 -50.12 -11.59 -6.60
N LEU D 198 -50.69 -11.68 -7.81
CA LEU D 198 -51.39 -10.55 -8.48
C LEU D 198 -52.86 -10.53 -8.09
N GLN D 199 -53.45 -11.64 -7.69
CA GLN D 199 -54.89 -11.68 -7.34
C GLN D 199 -55.15 -10.93 -6.03
N PRO D 200 -56.43 -10.57 -5.78
CA PRO D 200 -56.82 -9.91 -4.51
C PRO D 200 -56.26 -10.64 -3.29
N GLY D 201 -55.63 -9.87 -2.40
CA GLY D 201 -55.08 -10.41 -1.15
C GLY D 201 -53.67 -10.93 -1.28
N GLY D 202 -53.08 -10.94 -2.48
CA GLY D 202 -51.66 -11.27 -2.68
C GLY D 202 -50.77 -10.14 -2.15
N ALA D 203 -49.48 -10.42 -2.02
CA ALA D 203 -48.46 -9.55 -1.39
C ALA D 203 -48.14 -8.32 -2.26
N ARG D 204 -48.57 -8.29 -3.53
CA ARG D 204 -48.22 -7.19 -4.43
C ARG D 204 -48.71 -5.87 -3.81
N LYS D 205 -47.94 -4.80 -3.88
CA LYS D 205 -48.30 -3.53 -3.24
C LYS D 205 -48.98 -2.63 -4.28
N PRO D 206 -49.90 -1.77 -3.83
CA PRO D 206 -50.53 -0.80 -4.73
C PRO D 206 -49.61 0.36 -5.05
N PRO D 207 -49.92 1.17 -6.08
CA PRO D 207 -49.17 2.41 -6.34
C PRO D 207 -49.36 3.33 -5.13
N GLY D 208 -48.43 4.23 -4.87
CA GLY D 208 -48.55 5.17 -3.74
C GLY D 208 -49.40 6.36 -4.12
N ASP D 209 -49.80 7.18 -3.15
CA ASP D 209 -50.57 8.43 -3.34
C ASP D 209 -49.80 9.56 -2.66
N GLU D 210 -50.27 10.80 -2.81
CA GLU D 210 -49.66 12.03 -2.24
C GLU D 210 -49.36 11.86 -0.74
N LYS D 211 -50.17 11.06 -0.05
CA LYS D 211 -50.15 10.92 1.44
C LYS D 211 -49.22 9.75 1.83
N SER D 212 -49.07 8.72 0.98
CA SER D 212 -48.08 7.63 1.23
C SER D 212 -46.67 8.18 0.92
N VAL D 213 -46.54 9.06 -0.06
CA VAL D 213 -45.28 9.76 -0.45
C VAL D 213 -44.83 10.66 0.71
N GLU D 214 -45.76 11.42 1.29
CA GLU D 214 -45.52 12.32 2.46
C GLU D 214 -45.06 11.51 3.67
N LYS D 215 -45.73 10.39 3.94
CA LYS D 215 -45.40 9.51 5.08
C LYS D 215 -43.98 8.94 4.93
N SER D 216 -43.62 8.44 3.72
CA SER D 216 -42.31 7.84 3.41
C SER D 216 -41.20 8.90 3.49
N ARG D 217 -41.50 10.12 3.07
CA ARG D 217 -40.53 11.26 3.01
C ARG D 217 -40.10 11.64 4.43
N LYS D 218 -41.02 11.64 5.40
CA LYS D 218 -40.68 12.02 6.80
C LYS D 218 -40.04 10.85 7.55
N ILE D 219 -40.06 9.64 7.00
CA ILE D 219 -39.35 8.44 7.59
C ILE D 219 -37.95 8.30 6.98
N PHE D 220 -37.79 8.50 5.67
CA PHE D 220 -36.53 8.21 4.94
C PHE D 220 -35.78 9.49 4.52
N LYS D 221 -36.43 10.67 4.56
CA LYS D 221 -35.83 12.01 4.31
C LYS D 221 -35.55 12.17 2.80
N PHE D 222 -36.58 12.31 1.98
CA PHE D 222 -36.48 12.57 0.53
C PHE D 222 -37.71 13.36 0.06
#